data_8ARB
#
_entry.id   8ARB
#
_cell.length_a   90.330
_cell.length_b   160.560
_cell.length_c   156.740
_cell.angle_alpha   90.000
_cell.angle_beta   90.000
_cell.angle_gamma   90.000
#
_symmetry.space_group_name_H-M   'C 2 2 21'
#
loop_
_entity.id
_entity.type
_entity.pdbx_description
1 polymer 'Chaperone protein YscY'
2 polymer AscX
3 non-polymer 'PHOSPHATE ION'
4 non-polymer '4-(2-HYDROXYETHYL)-1-PIPERAZINE ETHANESULFONIC ACID'
5 water water
#
loop_
_entity_poly.entity_id
_entity_poly.type
_entity_poly.pdbx_seq_one_letter_code
_entity_poly.pdbx_strand_id
1 'polypeptide(L)'
;MGHHHHHHGNITLTKRQQEFLLLNGWLQLQCGHAERACILLDALLTLNPEHLAGRRCRLVALLNNNQGERAEKEAQWLIS
HDPLQAGNWLCLSRAQQLNGDLDKARHAYQHYLELKDHNESP
;
A,C,E,G
2 'polypeptide(L)' GAMERLADRALLDFATPHRGFHDLLRPVDFHQAMQGLRSVLAEGQSPELRAAAILLEQMHADEQLMQMTLHLLHKV B,D,F,H
#
loop_
_chem_comp.id
_chem_comp.type
_chem_comp.name
_chem_comp.formula
EPE non-polymer '4-(2-HYDROXYETHYL)-1-PIPERAZINE ETHANESULFONIC ACID' 'C8 H18 N2 O4 S'
PO4 non-polymer 'PHOSPHATE ION' 'O4 P -3'
#
# COMPACT_ATOMS: atom_id res chain seq x y z
N ASN A 10 24.39 33.72 7.91
CA ASN A 10 23.57 32.82 8.72
C ASN A 10 23.07 31.66 7.88
N ILE A 11 21.76 31.42 7.89
CA ILE A 11 21.13 30.37 7.11
C ILE A 11 20.25 31.06 6.08
N THR A 12 20.71 31.11 4.85
CA THR A 12 19.98 31.74 3.76
C THR A 12 19.44 30.68 2.80
N LEU A 13 18.37 31.05 2.10
CA LEU A 13 17.73 30.18 1.14
C LEU A 13 17.64 30.92 -0.19
N THR A 14 18.10 30.28 -1.26
CA THR A 14 18.06 30.93 -2.56
C THR A 14 16.63 31.04 -3.05
N LYS A 15 16.41 31.93 -4.03
CA LYS A 15 15.07 32.15 -4.54
C LYS A 15 14.52 30.87 -5.17
N ARG A 16 15.37 30.08 -5.82
CA ARG A 16 14.92 28.81 -6.36
C ARG A 16 14.62 27.82 -5.25
N GLN A 17 15.40 27.85 -4.17
CA GLN A 17 15.13 26.96 -3.04
C GLN A 17 13.89 27.39 -2.27
N GLN A 18 13.66 28.71 -2.17
CA GLN A 18 12.46 29.19 -1.48
C GLN A 18 11.20 28.77 -2.23
N GLU A 19 11.20 28.92 -3.55
CA GLU A 19 10.04 28.52 -4.34
C GLU A 19 9.89 27.01 -4.37
N PHE A 20 10.99 26.27 -4.28
CA PHE A 20 10.89 24.81 -4.22
C PHE A 20 10.30 24.36 -2.89
N LEU A 21 10.66 25.05 -1.80
CA LEU A 21 10.06 24.74 -0.50
C LEU A 21 8.59 25.14 -0.47
N LEU A 22 8.24 26.24 -1.15
CA LEU A 22 6.84 26.64 -1.25
C LEU A 22 6.06 25.63 -2.09
N LEU A 23 6.70 25.07 -3.12
CA LEU A 23 6.02 24.06 -3.95
C LEU A 23 5.73 22.80 -3.15
N ASN A 24 6.67 22.37 -2.31
CA ASN A 24 6.45 21.17 -1.51
C ASN A 24 5.33 21.38 -0.50
N GLY A 25 5.27 22.56 0.10
CA GLY A 25 4.16 22.87 1.00
C GLY A 25 2.83 22.93 0.27
N TRP A 26 2.84 23.35 -1.00
CA TRP A 26 1.61 23.40 -1.77
C TRP A 26 1.17 22.01 -2.20
N LEU A 27 2.13 21.13 -2.53
CA LEU A 27 1.76 19.77 -2.92
C LEU A 27 1.19 18.98 -1.74
N GLN A 28 1.69 19.24 -0.52
CA GLN A 28 1.13 18.59 0.65
C GLN A 28 -0.30 19.08 0.94
N LEU A 29 -0.57 20.36 0.67
CA LEU A 29 -1.92 20.88 0.90
C LEU A 29 -2.94 20.25 -0.02
N GLN A 30 -2.53 19.96 -1.27
CA GLN A 30 -3.45 19.32 -2.21
C GLN A 30 -3.75 17.88 -1.82
N CYS A 31 -2.82 17.22 -1.13
CA CYS A 31 -2.98 15.84 -0.72
C CYS A 31 -3.67 15.70 0.63
N GLY A 32 -4.30 16.76 1.13
CA GLY A 32 -4.96 16.70 2.42
C GLY A 32 -4.01 16.68 3.59
N HIS A 33 -2.74 17.04 3.39
CA HIS A 33 -1.76 17.06 4.47
C HIS A 33 -1.53 18.50 4.93
N ALA A 34 -2.53 19.01 5.66
CA ALA A 34 -2.47 20.39 6.13
C ALA A 34 -1.41 20.55 7.21
N GLU A 35 -1.20 19.52 8.04
CA GLU A 35 -0.19 19.61 9.10
C GLU A 35 1.21 19.68 8.50
N ARG A 36 1.50 18.82 7.52
CA ARG A 36 2.82 18.85 6.88
C ARG A 36 3.04 20.13 6.08
N ALA A 37 1.96 20.70 5.52
CA ALA A 37 2.09 21.95 4.79
C ALA A 37 2.46 23.10 5.72
N CYS A 38 1.88 23.12 6.93
CA CYS A 38 2.21 24.18 7.88
C CYS A 38 3.65 24.07 8.36
N ILE A 39 4.14 22.85 8.56
CA ILE A 39 5.50 22.67 9.06
C ILE A 39 6.51 23.14 8.02
N LEU A 40 6.29 22.80 6.76
CA LEU A 40 7.22 23.22 5.71
C LEU A 40 7.17 24.72 5.50
N LEU A 41 5.96 25.31 5.50
CA LEU A 41 5.83 26.74 5.29
C LEU A 41 6.20 27.56 6.52
N ASP A 42 6.23 26.95 7.71
CA ASP A 42 6.76 27.65 8.87
C ASP A 42 8.25 27.89 8.73
N ALA A 43 8.98 26.93 8.14
CA ALA A 43 10.40 27.11 7.90
C ALA A 43 10.65 28.16 6.82
N LEU A 44 9.81 28.18 5.78
CA LEU A 44 9.97 29.19 4.74
C LEU A 44 9.73 30.59 5.28
N LEU A 45 8.67 30.76 6.08
CA LEU A 45 8.34 32.07 6.64
C LEU A 45 9.17 32.41 7.87
N THR A 46 10.00 31.48 8.35
CA THR A 46 10.97 31.82 9.38
C THR A 46 12.22 32.45 8.77
N LEU A 47 12.72 31.84 7.69
CA LEU A 47 13.87 32.40 7.00
C LEU A 47 13.50 33.65 6.21
N ASN A 48 12.31 33.66 5.60
CA ASN A 48 11.84 34.77 4.79
C ASN A 48 10.42 35.12 5.23
N PRO A 49 10.25 35.93 6.27
CA PRO A 49 8.91 36.30 6.70
C PRO A 49 8.16 37.16 5.70
N GLU A 50 8.85 37.79 4.76
CA GLU A 50 8.23 38.67 3.78
C GLU A 50 7.70 37.92 2.57
N HIS A 51 7.83 36.60 2.53
CA HIS A 51 7.36 35.81 1.40
C HIS A 51 5.84 35.87 1.35
N LEU A 52 5.31 36.65 0.39
CA LEU A 52 3.87 36.89 0.36
C LEU A 52 3.11 35.65 -0.11
N ALA A 53 3.65 34.93 -1.11
CA ALA A 53 2.97 33.73 -1.58
C ALA A 53 2.99 32.61 -0.55
N GLY A 54 4.03 32.57 0.29
CA GLY A 54 4.09 31.55 1.33
C GLY A 54 3.08 31.77 2.44
N ARG A 55 2.76 33.03 2.72
CA ARG A 55 1.77 33.32 3.76
C ARG A 55 0.37 32.97 3.31
N ARG A 56 0.05 33.21 2.04
CA ARG A 56 -1.27 32.85 1.53
C ARG A 56 -1.48 31.34 1.55
N CYS A 57 -0.44 30.58 1.20
CA CYS A 57 -0.57 29.13 1.17
C CYS A 57 -0.66 28.56 2.59
N ARG A 58 0.11 29.11 3.52
CA ARG A 58 0.03 28.63 4.90
C ARG A 58 -1.28 29.03 5.55
N LEU A 59 -1.81 30.20 5.20
CA LEU A 59 -3.10 30.63 5.76
C LEU A 59 -4.21 29.64 5.42
N VAL A 60 -4.25 29.18 4.17
CA VAL A 60 -5.23 28.16 3.79
C VAL A 60 -4.90 26.84 4.47
N ALA A 61 -3.61 26.53 4.65
CA ALA A 61 -3.23 25.31 5.35
C ALA A 61 -3.66 25.36 6.81
N LEU A 62 -3.60 26.54 7.44
CA LEU A 62 -4.09 26.68 8.80
C LEU A 62 -5.61 26.55 8.88
N LEU A 63 -6.32 27.00 7.84
CA LEU A 63 -7.77 26.87 7.83
C LEU A 63 -8.18 25.40 7.74
N ASN A 64 -7.46 24.62 6.94
CA ASN A 64 -7.75 23.19 6.80
C ASN A 64 -7.22 22.37 7.96
N ASN A 65 -6.48 22.97 8.89
CA ASN A 65 -5.94 22.27 10.04
C ASN A 65 -6.69 22.61 11.32
N ASN A 66 -7.85 23.26 11.21
CA ASN A 66 -8.69 23.60 12.36
C ASN A 66 -7.95 24.49 13.35
N GLN A 67 -7.13 25.41 12.83
CA GLN A 67 -6.41 26.38 13.64
C GLN A 67 -6.93 27.78 13.32
N GLY A 68 -8.20 28.01 13.65
CA GLY A 68 -8.82 29.29 13.35
C GLY A 68 -8.30 30.44 14.18
N GLU A 69 -7.86 30.16 15.40
CA GLU A 69 -7.33 31.23 16.25
C GLU A 69 -6.01 31.76 15.72
N ARG A 70 -5.26 30.94 14.98
CA ARG A 70 -4.01 31.37 14.38
C ARG A 70 -4.20 31.89 12.97
N ALA A 71 -5.14 31.31 12.22
CA ALA A 71 -5.41 31.78 10.87
C ALA A 71 -6.07 33.15 10.89
N GLU A 72 -6.74 33.51 11.98
CA GLU A 72 -7.34 34.84 12.09
C GLU A 72 -6.27 35.92 12.13
N LYS A 73 -5.21 35.71 12.92
CA LYS A 73 -4.13 36.68 12.98
C LYS A 73 -3.31 36.70 11.70
N GLU A 74 -3.24 35.56 11.00
CA GLU A 74 -2.54 35.53 9.73
C GLU A 74 -3.35 36.22 8.63
N ALA A 75 -4.68 36.06 8.66
CA ALA A 75 -5.51 36.74 7.69
C ALA A 75 -5.49 38.26 7.92
N GLN A 76 -5.55 38.69 9.18
CA GLN A 76 -5.46 40.11 9.50
C GLN A 76 -4.07 40.66 9.19
N TRP A 77 -3.05 39.81 9.16
CA TRP A 77 -1.71 40.26 8.79
C TRP A 77 -1.65 40.62 7.31
N LEU A 78 -2.19 39.75 6.46
CA LEU A 78 -2.20 39.99 5.03
C LEU A 78 -3.10 41.16 4.64
N ILE A 79 -4.11 41.48 5.44
CA ILE A 79 -4.96 42.62 5.15
C ILE A 79 -4.19 43.93 5.33
N SER A 80 -3.41 44.02 6.40
CA SER A 80 -2.63 45.24 6.64
C SER A 80 -1.51 45.42 5.63
N HIS A 81 -0.90 44.32 5.17
CA HIS A 81 0.20 44.38 4.23
C HIS A 81 -0.24 44.24 2.77
N ASP A 82 -1.47 43.82 2.52
CA ASP A 82 -1.99 43.68 1.15
C ASP A 82 -3.49 43.86 1.19
N PRO A 83 -3.96 45.12 1.29
CA PRO A 83 -5.41 45.36 1.43
C PRO A 83 -6.20 45.27 0.14
N LEU A 84 -5.53 45.13 -1.01
CA LEU A 84 -6.23 45.12 -2.29
C LEU A 84 -6.56 43.70 -2.76
N GLN A 85 -6.32 42.69 -1.96
CA GLN A 85 -6.66 41.31 -2.29
C GLN A 85 -7.97 40.93 -1.61
N ALA A 86 -8.93 40.46 -2.42
CA ALA A 86 -10.23 40.06 -1.87
C ALA A 86 -10.12 38.77 -1.06
N GLY A 87 -9.22 37.87 -1.47
CA GLY A 87 -9.09 36.57 -0.81
C GLY A 87 -8.73 36.65 0.65
N ASN A 88 -8.09 37.75 1.09
CA ASN A 88 -7.73 37.88 2.50
C ASN A 88 -8.97 37.89 3.38
N TRP A 89 -10.06 38.49 2.89
CA TRP A 89 -11.29 38.55 3.69
C TRP A 89 -12.03 37.21 3.68
N LEU A 90 -11.91 36.43 2.60
CA LEU A 90 -12.51 35.10 2.60
C LEU A 90 -11.82 34.19 3.60
N CYS A 91 -10.50 34.33 3.75
CA CYS A 91 -9.79 33.55 4.77
C CYS A 91 -10.17 34.02 6.17
N LEU A 92 -10.32 35.32 6.36
CA LEU A 92 -10.74 35.84 7.65
C LEU A 92 -12.17 35.39 7.97
N SER A 93 -13.03 35.34 6.95
CA SER A 93 -14.38 34.84 7.16
C SER A 93 -14.37 33.36 7.55
N ARG A 94 -13.49 32.57 6.94
CA ARG A 94 -13.38 31.16 7.29
C ARG A 94 -12.69 30.98 8.64
N ALA A 95 -11.78 31.88 8.99
CA ALA A 95 -11.08 31.77 10.27
C ALA A 95 -12.00 32.13 11.43
N GLN A 96 -12.68 33.28 11.33
CA GLN A 96 -13.61 33.68 12.38
C GLN A 96 -14.82 32.77 12.46
N GLN A 97 -15.14 32.04 11.38
CA GLN A 97 -16.22 31.06 11.44
C GLN A 97 -15.83 29.87 12.32
N LEU A 98 -14.56 29.46 12.27
CA LEU A 98 -14.09 28.37 13.11
C LEU A 98 -13.96 28.78 14.56
N ASN A 99 -13.83 30.08 14.84
CA ASN A 99 -13.72 30.58 16.21
C ASN A 99 -15.07 30.75 16.89
N GLY A 100 -16.17 30.39 16.23
CA GLY A 100 -17.48 30.55 16.82
C GLY A 100 -18.09 31.93 16.66
N ASP A 101 -17.45 32.81 15.90
CA ASP A 101 -17.95 34.17 15.68
C ASP A 101 -18.62 34.23 14.31
N LEU A 102 -19.86 33.73 14.26
CA LEU A 102 -20.61 33.75 13.01
C LEU A 102 -21.05 35.16 12.64
N ASP A 103 -21.21 36.03 13.64
CA ASP A 103 -21.57 37.41 13.34
C ASP A 103 -20.39 38.17 12.74
N LYS A 104 -19.18 37.92 13.24
CA LYS A 104 -18.00 38.53 12.65
C LYS A 104 -17.63 37.89 11.32
N ALA A 105 -17.91 36.58 11.17
CA ALA A 105 -17.61 35.90 9.91
C ALA A 105 -18.52 36.38 8.79
N ARG A 106 -19.74 36.81 9.12
CA ARG A 106 -20.65 37.31 8.08
C ARG A 106 -20.17 38.65 7.54
N HIS A 107 -19.65 39.52 8.40
CA HIS A 107 -19.13 40.80 7.94
C HIS A 107 -17.87 40.63 7.10
N ALA A 108 -17.03 39.65 7.45
CA ALA A 108 -15.83 39.39 6.65
C ALA A 108 -16.19 38.82 5.28
N TYR A 109 -17.20 37.96 5.23
CA TYR A 109 -17.64 37.43 3.94
C TYR A 109 -18.29 38.52 3.09
N GLN A 110 -19.00 39.45 3.73
CA GLN A 110 -19.59 40.57 3.00
C GLN A 110 -18.51 41.46 2.39
N HIS A 111 -17.43 41.71 3.14
CA HIS A 111 -16.34 42.51 2.60
C HIS A 111 -15.61 41.77 1.48
N TYR A 112 -15.65 40.44 1.49
CA TYR A 112 -15.03 39.67 0.41
C TYR A 112 -15.83 39.80 -0.89
N LEU A 113 -17.17 39.77 -0.78
CA LEU A 113 -18.00 39.90 -1.98
C LEU A 113 -17.90 41.30 -2.59
N GLU A 114 -17.62 42.31 -1.77
CA GLU A 114 -17.53 43.67 -2.28
C GLU A 114 -16.23 43.89 -3.05
N LEU A 115 -15.12 43.34 -2.55
CA LEU A 115 -13.85 43.50 -3.26
C LEU A 115 -13.78 42.59 -4.48
N LYS A 116 -14.38 41.40 -4.40
CA LYS A 116 -14.34 40.48 -5.54
C LYS A 116 -15.13 41.04 -6.72
N ASP A 117 -16.25 41.71 -6.44
CA ASP A 117 -17.05 42.30 -7.50
C ASP A 117 -16.43 43.60 -8.02
N HIS A 118 -15.72 44.33 -7.16
CA HIS A 118 -15.11 45.59 -7.58
C HIS A 118 -13.88 45.37 -8.45
N ASN A 119 -13.31 44.17 -8.45
CA ASN A 119 -12.14 43.88 -9.28
C ASN A 119 -12.51 43.26 -10.63
N GLU A 120 -13.75 42.82 -10.81
CA GLU A 120 -14.21 42.26 -12.08
C GLU A 120 -15.25 43.18 -12.71
N SER A 121 -15.25 43.20 -14.04
CA SER A 121 -16.17 44.05 -14.79
C SER A 121 -16.42 43.51 -16.19
N MET B 3 -23.00 29.60 -2.27
CA MET B 3 -22.52 28.22 -2.35
C MET B 3 -21.15 28.08 -1.71
N GLU B 4 -21.04 27.13 -0.78
CA GLU B 4 -19.75 26.89 -0.12
C GLU B 4 -18.73 26.30 -1.09
N ARG B 5 -19.20 25.58 -2.12
CA ARG B 5 -18.28 24.97 -3.08
C ARG B 5 -17.47 26.03 -3.82
N LEU B 6 -18.06 27.19 -4.08
CA LEU B 6 -17.33 28.25 -4.77
C LEU B 6 -16.27 28.87 -3.85
N ALA B 7 -16.59 28.99 -2.56
CA ALA B 7 -15.62 29.57 -1.62
C ALA B 7 -14.47 28.61 -1.34
N ASP B 8 -14.70 27.31 -1.44
CA ASP B 8 -13.63 26.34 -1.23
C ASP B 8 -12.61 26.39 -2.35
N ARG B 9 -13.07 26.47 -3.59
CA ARG B 9 -12.15 26.58 -4.72
C ARG B 9 -11.44 27.92 -4.73
N ALA B 10 -12.14 28.99 -4.34
CA ALA B 10 -11.51 30.31 -4.26
C ALA B 10 -10.37 30.32 -3.25
N LEU B 11 -10.48 29.54 -2.18
CA LEU B 11 -9.39 29.42 -1.22
C LEU B 11 -8.23 28.64 -1.82
N LEU B 12 -8.53 27.59 -2.58
CA LEU B 12 -7.46 26.81 -3.21
C LEU B 12 -6.76 27.62 -4.30
N ASP B 13 -7.52 28.44 -5.03
CA ASP B 13 -6.89 29.33 -6.01
C ASP B 13 -6.10 30.44 -5.32
N PHE B 14 -6.59 30.90 -4.16
CA PHE B 14 -5.88 31.92 -3.40
C PHE B 14 -4.55 31.39 -2.87
N ALA B 15 -4.49 30.10 -2.55
CA ALA B 15 -3.25 29.51 -2.04
C ALA B 15 -2.32 29.05 -3.17
N THR B 16 -2.84 28.90 -4.37
CA THR B 16 -2.02 28.42 -5.49
C THR B 16 -1.02 29.50 -5.88
N PRO B 17 0.29 29.24 -5.79
CA PRO B 17 1.27 30.24 -6.18
C PRO B 17 1.60 30.21 -7.66
N HIS B 18 1.89 31.41 -8.18
CA HIS B 18 2.30 31.55 -9.57
C HIS B 18 3.77 31.18 -9.72
N ARG B 19 4.21 31.08 -10.98
CA ARG B 19 5.58 30.69 -11.31
C ARG B 19 5.90 29.34 -10.67
N ASP B 23 7.72 24.32 -10.61
CA ASP B 23 7.22 23.85 -11.89
C ASP B 23 7.84 24.63 -13.04
N LEU B 24 8.19 25.89 -12.77
CA LEU B 24 8.74 26.77 -13.79
C LEU B 24 10.25 26.99 -13.63
N LEU B 25 10.91 26.19 -12.80
CA LEU B 25 12.35 26.32 -12.58
C LEU B 25 13.12 25.01 -12.63
N ARG B 26 12.50 23.88 -12.30
CA ARG B 26 13.18 22.58 -12.29
C ARG B 26 12.51 21.62 -13.26
N PRO B 27 13.14 21.28 -14.39
CA PRO B 27 12.56 20.30 -15.30
C PRO B 27 13.06 18.89 -14.99
N VAL B 28 12.26 18.12 -14.24
CA VAL B 28 12.61 16.76 -13.84
C VAL B 28 13.95 16.78 -13.10
N ASP B 29 14.13 17.79 -12.25
CA ASP B 29 15.29 17.91 -11.38
C ASP B 29 14.86 17.88 -9.92
N PHE B 30 13.85 17.06 -9.62
CA PHE B 30 13.25 17.06 -8.29
C PHE B 30 14.16 16.39 -7.26
N HIS B 31 14.92 15.38 -7.66
CA HIS B 31 15.76 14.66 -6.71
C HIS B 31 16.90 15.54 -6.21
N GLN B 32 17.59 16.22 -7.13
CA GLN B 32 18.71 17.08 -6.74
C GLN B 32 18.22 18.28 -5.95
N ALA B 33 17.07 18.85 -6.33
CA ALA B 33 16.51 19.98 -5.60
C ALA B 33 16.09 19.57 -4.19
N MET B 34 15.70 18.31 -4.00
CA MET B 34 15.33 17.84 -2.67
C MET B 34 16.56 17.61 -1.81
N GLN B 35 17.64 17.12 -2.41
CA GLN B 35 18.89 16.93 -1.67
C GLN B 35 19.45 18.26 -1.18
N GLY B 36 19.43 19.29 -2.04
CA GLY B 36 19.90 20.59 -1.63
C GLY B 36 19.03 21.26 -0.59
N LEU B 37 17.73 20.96 -0.61
CA LEU B 37 16.82 21.55 0.37
C LEU B 37 17.04 20.96 1.75
N ARG B 38 17.23 19.64 1.83
CA ARG B 38 17.51 19.01 3.12
CA ARG B 38 17.50 19.02 3.12
C ARG B 38 18.83 19.45 3.71
N SER B 39 19.79 19.81 2.84
CA SER B 39 21.10 20.22 3.34
C SER B 39 21.05 21.59 4.00
N VAL B 40 20.29 22.52 3.42
CA VAL B 40 20.21 23.86 3.99
C VAL B 40 19.40 23.85 5.28
N LEU B 41 18.37 23.00 5.35
CA LEU B 41 17.53 22.94 6.54
C LEU B 41 18.14 22.10 7.65
N ALA B 42 19.11 21.24 7.35
CA ALA B 42 19.71 20.40 8.37
C ALA B 42 20.56 21.19 9.34
N GLU B 43 21.07 22.34 8.94
CA GLU B 43 21.91 23.17 9.80
C GLU B 43 21.09 24.20 10.59
N GLY B 44 19.76 24.10 10.58
CA GLY B 44 18.95 25.01 11.33
C GLY B 44 18.83 24.64 12.79
N GLN B 45 18.50 25.64 13.62
CA GLN B 45 18.37 25.46 15.06
C GLN B 45 16.95 25.66 15.56
N SER B 46 16.21 26.60 14.96
CA SER B 46 14.86 26.89 15.43
C SER B 46 13.96 25.68 15.20
N PRO B 47 12.92 25.51 16.02
CA PRO B 47 12.02 24.36 15.86
C PRO B 47 11.30 24.33 14.53
N GLU B 48 11.14 25.48 13.86
CA GLU B 48 10.54 25.47 12.54
C GLU B 48 11.46 24.80 11.52
N LEU B 49 12.77 25.09 11.61
CA LEU B 49 13.73 24.46 10.71
C LEU B 49 14.01 23.01 11.08
N ARG B 50 13.99 22.68 12.38
CA ARG B 50 14.22 21.31 12.79
C ARG B 50 13.05 20.40 12.40
N ALA B 51 11.83 20.86 12.63
CA ALA B 51 10.66 20.04 12.30
C ALA B 51 10.57 19.81 10.79
N ALA B 52 10.90 20.83 10.00
CA ALA B 52 10.91 20.65 8.55
C ALA B 52 12.04 19.72 8.10
N ALA B 53 13.17 19.76 8.80
CA ALA B 53 14.27 18.85 8.46
C ALA B 53 13.91 17.41 8.79
N ILE B 54 13.33 17.18 9.98
CA ILE B 54 12.90 15.84 10.35
C ILE B 54 11.81 15.35 9.39
N LEU B 55 10.94 16.26 8.94
CA LEU B 55 9.88 15.89 8.02
C LEU B 55 10.46 15.43 6.68
N LEU B 56 11.42 16.18 6.13
CA LEU B 56 12.00 15.83 4.85
C LEU B 56 12.89 14.59 4.96
N GLU B 57 13.46 14.33 6.13
CA GLU B 57 14.26 13.13 6.31
C GLU B 57 13.39 11.89 6.26
N GLN B 58 12.22 11.93 6.90
CA GLN B 58 11.31 10.78 6.86
C GLN B 58 10.74 10.57 5.47
N MET B 59 10.52 11.65 4.72
CA MET B 59 10.06 11.49 3.33
C MET B 59 11.11 10.81 2.48
N HIS B 60 12.39 11.09 2.73
CA HIS B 60 13.45 10.44 1.98
C HIS B 60 13.59 8.98 2.39
N ALA B 61 13.37 8.67 3.67
CA ALA B 61 13.40 7.29 4.12
C ALA B 61 12.23 6.48 3.55
N ASP B 62 11.05 7.10 3.46
CA ASP B 62 9.90 6.43 2.88
C ASP B 62 10.09 6.22 1.38
N GLU B 63 10.91 7.06 0.74
CA GLU B 63 11.19 6.90 -0.68
C GLU B 63 11.94 5.61 -0.96
N GLN B 64 12.76 5.15 -0.02
CA GLN B 64 13.50 3.91 -0.22
C GLN B 64 12.57 2.70 -0.21
N LEU B 65 11.48 2.75 0.57
CA LEU B 65 10.48 1.69 0.52
C LEU B 65 9.76 1.66 -0.82
N MET B 66 9.51 2.83 -1.41
CA MET B 66 8.83 2.87 -2.71
C MET B 66 9.69 2.27 -3.81
N GLN B 67 11.00 2.52 -3.78
CA GLN B 67 11.87 1.98 -4.81
C GLN B 67 11.99 0.46 -4.69
N MET B 68 11.96 -0.06 -3.46
CA MET B 68 11.99 -1.51 -3.28
C MET B 68 10.69 -2.16 -3.75
N THR B 69 9.56 -1.46 -3.58
CA THR B 69 8.29 -1.98 -4.10
C THR B 69 8.26 -1.95 -5.62
N LEU B 70 8.76 -0.86 -6.22
CA LEU B 70 8.81 -0.81 -7.68
C LEU B 70 9.82 -1.81 -8.24
N HIS B 71 10.88 -2.10 -7.49
CA HIS B 71 11.86 -3.08 -7.96
C HIS B 71 11.26 -4.47 -8.00
N LEU B 72 10.43 -4.82 -7.02
CA LEU B 72 9.77 -6.12 -7.02
C LEU B 72 8.70 -6.23 -8.09
N LEU B 73 8.16 -5.10 -8.55
CA LEU B 73 7.18 -5.09 -9.62
C LEU B 73 7.80 -5.17 -11.01
N HIS B 74 9.11 -5.40 -11.08
CA HIS B 74 9.85 -5.48 -12.34
C HIS B 74 9.68 -4.21 -13.16
N ASN C 10 19.79 -36.97 -9.04
CA ASN C 10 18.72 -37.36 -8.13
C ASN C 10 18.55 -36.31 -7.04
N ILE C 11 17.34 -35.78 -6.91
CA ILE C 11 17.01 -34.76 -5.92
C ILE C 11 16.29 -35.46 -4.76
N THR C 12 16.86 -35.33 -3.56
CA THR C 12 16.31 -35.98 -2.38
C THR C 12 16.06 -34.96 -1.29
N LEU C 13 15.12 -35.28 -0.40
CA LEU C 13 14.74 -34.42 0.71
C LEU C 13 14.85 -35.21 2.01
N THR C 14 15.55 -34.66 2.99
CA THR C 14 15.71 -35.34 4.27
C THR C 14 14.39 -35.36 5.04
N LYS C 15 14.32 -36.25 6.04
CA LYS C 15 13.10 -36.39 6.82
C LYS C 15 12.76 -35.11 7.57
N ARG C 16 13.79 -34.39 8.04
CA ARG C 16 13.54 -33.12 8.71
C ARG C 16 13.06 -32.07 7.71
N GLN C 17 13.60 -32.09 6.50
CA GLN C 17 13.17 -31.15 5.47
C GLN C 17 11.76 -31.46 4.98
N GLN C 18 11.40 -32.74 4.93
CA GLN C 18 10.04 -33.11 4.52
C GLN C 18 9.01 -32.57 5.51
N GLU C 19 9.26 -32.76 6.80
CA GLU C 19 8.33 -32.24 7.80
C GLU C 19 8.35 -30.72 7.84
N PHE C 20 9.50 -30.10 7.55
CA PHE C 20 9.56 -28.65 7.49
C PHE C 20 8.78 -28.12 6.29
N LEU C 21 8.87 -28.81 5.15
CA LEU C 21 8.07 -28.42 4.00
C LEU C 21 6.59 -28.71 4.22
N LEU C 22 6.28 -29.81 4.92
CA LEU C 22 4.90 -30.10 5.26
C LEU C 22 4.33 -29.07 6.24
N LEU C 23 5.16 -28.60 7.16
CA LEU C 23 4.70 -27.57 8.11
C LEU C 23 4.40 -26.27 7.40
N ASN C 24 5.24 -25.86 6.45
CA ASN C 24 5.00 -24.62 5.72
C ASN C 24 3.74 -24.69 4.88
N GLY C 25 3.49 -25.84 4.25
CA GLY C 25 2.24 -26.00 3.52
C GLY C 25 1.02 -26.00 4.41
N TRP C 26 1.17 -26.50 5.65
CA TRP C 26 0.05 -26.51 6.59
C TRP C 26 -0.21 -25.13 7.15
N LEU C 27 0.85 -24.34 7.40
CA LEU C 27 0.66 -22.99 7.92
C LEU C 27 0.01 -22.08 6.88
N GLN C 28 0.32 -22.28 5.60
CA GLN C 28 -0.35 -21.49 4.57
C GLN C 28 -1.83 -21.83 4.46
N LEU C 29 -2.19 -23.10 4.69
CA LEU C 29 -3.59 -23.49 4.62
C LEU C 29 -4.40 -22.86 5.74
N GLN C 30 -3.79 -22.72 6.93
CA GLN C 30 -4.50 -22.11 8.04
C GLN C 30 -4.71 -20.61 7.84
N CYS C 31 -3.82 -19.96 7.08
CA CYS C 31 -3.91 -18.53 6.82
C CYS C 31 -4.77 -18.20 5.61
N GLY C 32 -5.56 -19.16 5.12
CA GLY C 32 -6.38 -18.92 3.95
C GLY C 32 -5.61 -18.87 2.64
N HIS C 33 -4.37 -19.36 2.64
CA HIS C 33 -3.55 -19.38 1.43
C HIS C 33 -3.53 -20.80 0.85
N ALA C 34 -4.68 -21.16 0.26
CA ALA C 34 -4.83 -22.51 -0.27
C ALA C 34 -3.97 -22.74 -1.51
N GLU C 35 -3.78 -21.71 -2.34
CA GLU C 35 -2.98 -21.88 -3.55
C GLU C 35 -1.52 -22.16 -3.22
N ARG C 36 -0.95 -21.38 -2.29
CA ARG C 36 0.44 -21.60 -1.90
C ARG C 36 0.60 -22.92 -1.15
N ALA C 37 -0.43 -23.35 -0.42
CA ALA C 37 -0.35 -24.65 0.25
C ALA C 37 -0.29 -25.79 -0.75
N CYS C 38 -1.05 -25.69 -1.85
CA CYS C 38 -1.01 -26.73 -2.87
C CYS C 38 0.33 -26.74 -3.59
N ILE C 39 0.90 -25.56 -3.85
CA ILE C 39 2.18 -25.50 -4.56
C ILE C 39 3.29 -26.10 -3.72
N LEU C 40 3.32 -25.80 -2.42
CA LEU C 40 4.35 -26.36 -1.55
C LEU C 40 4.19 -27.86 -1.38
N LEU C 41 2.95 -28.33 -1.22
CA LEU C 41 2.71 -29.75 -1.04
C LEU C 41 2.79 -30.53 -2.34
N ASP C 42 2.69 -29.86 -3.50
CA ASP C 42 2.97 -30.54 -4.76
C ASP C 42 4.44 -30.91 -4.87
N ALA C 43 5.32 -30.04 -4.37
CA ALA C 43 6.75 -30.35 -4.37
C ALA C 43 7.07 -31.46 -3.39
N LEU C 44 6.40 -31.48 -2.23
CA LEU C 44 6.63 -32.54 -1.26
C LEU C 44 6.22 -33.90 -1.80
N LEU C 45 5.05 -33.97 -2.43
CA LEU C 45 4.57 -35.23 -2.98
C LEU C 45 5.19 -35.58 -4.33
N THR C 46 5.97 -34.67 -4.91
CA THR C 46 6.75 -35.03 -6.10
C THR C 46 8.04 -35.73 -5.70
N LEU C 47 8.74 -35.19 -4.70
CA LEU C 47 9.96 -35.83 -4.22
C LEU C 47 9.65 -37.09 -3.42
N ASN C 48 8.59 -37.06 -2.62
CA ASN C 48 8.19 -38.20 -1.79
C ASN C 48 6.71 -38.46 -1.99
N PRO C 49 6.33 -39.22 -3.02
CA PRO C 49 4.91 -39.51 -3.25
C PRO C 49 4.26 -40.35 -2.17
N GLU C 50 5.04 -41.06 -1.35
CA GLU C 50 4.49 -41.93 -0.32
C GLU C 50 4.15 -41.19 0.98
N HIS C 51 4.37 -39.88 1.04
CA HIS C 51 4.10 -39.12 2.24
C HIS C 51 2.59 -39.06 2.47
N LEU C 52 2.10 -39.83 3.45
CA LEU C 52 0.66 -39.94 3.66
C LEU C 52 0.09 -38.67 4.26
N ALA C 53 0.81 -38.05 5.20
CA ALA C 53 0.31 -36.81 5.81
C ALA C 53 0.28 -35.67 4.81
N GLY C 54 1.18 -35.68 3.83
CA GLY C 54 1.17 -34.64 2.81
C GLY C 54 0.01 -34.76 1.85
N ARG C 55 -0.46 -35.98 1.61
CA ARG C 55 -1.61 -36.16 0.72
C ARG C 55 -2.90 -35.71 1.39
N ARG C 56 -3.06 -36.01 2.68
CA ARG C 56 -4.24 -35.55 3.40
C ARG C 56 -4.27 -34.02 3.49
N CYS C 57 -3.11 -33.42 3.73
CA CYS C 57 -3.05 -31.96 3.87
C CYS C 57 -3.27 -31.28 2.52
N ARG C 58 -2.73 -31.85 1.44
CA ARG C 58 -2.94 -31.27 0.12
C ARG C 58 -4.38 -31.47 -0.35
N LEU C 59 -5.00 -32.59 0.01
CA LEU C 59 -6.39 -32.84 -0.37
C LEU C 59 -7.31 -31.77 0.20
N VAL C 60 -7.12 -31.42 1.48
CA VAL C 60 -7.89 -30.34 2.07
C VAL C 60 -7.50 -29.00 1.46
N ALA C 61 -6.22 -28.83 1.10
CA ALA C 61 -5.80 -27.60 0.45
C ALA C 61 -6.43 -27.46 -0.93
N LEU C 62 -6.64 -28.56 -1.64
CA LEU C 62 -7.33 -28.51 -2.92
C LEU C 62 -8.81 -28.18 -2.74
N LEU C 63 -9.41 -28.62 -1.63
CA LEU C 63 -10.81 -28.33 -1.38
C LEU C 63 -11.04 -26.84 -1.15
N ASN C 64 -10.14 -26.19 -0.41
CA ASN C 64 -10.26 -24.76 -0.15
C ASN C 64 -9.81 -23.90 -1.32
N ASN C 65 -9.26 -24.50 -2.38
CA ASN C 65 -8.81 -23.77 -3.55
C ASN C 65 -9.75 -23.92 -4.73
N ASN C 66 -10.96 -24.45 -4.50
CA ASN C 66 -11.97 -24.61 -5.54
C ASN C 66 -11.48 -25.49 -6.69
N GLN C 67 -10.73 -26.53 -6.34
CA GLN C 67 -10.24 -27.50 -7.31
C GLN C 67 -10.91 -28.84 -7.06
N GLY C 68 -12.23 -28.87 -7.26
CA GLY C 68 -12.99 -30.08 -6.99
C GLY C 68 -12.74 -31.19 -7.98
N GLU C 69 -12.40 -30.84 -9.23
CA GLU C 69 -12.12 -31.87 -10.23
C GLU C 69 -10.84 -32.63 -9.93
N ARG C 70 -9.90 -31.98 -9.24
CA ARG C 70 -8.65 -32.62 -8.86
C ARG C 70 -8.72 -33.26 -7.48
N ALA C 71 -9.43 -32.61 -6.54
CA ALA C 71 -9.59 -33.19 -5.21
C ALA C 71 -10.44 -34.45 -5.23
N GLU C 72 -11.33 -34.57 -6.22
CA GLU C 72 -12.14 -35.78 -6.32
C GLU C 72 -11.28 -36.99 -6.67
N LYS C 73 -10.35 -36.84 -7.63
CA LYS C 73 -9.49 -37.95 -7.99
C LYS C 73 -8.47 -38.26 -6.89
N GLU C 74 -8.08 -37.25 -6.11
CA GLU C 74 -7.18 -37.50 -5.00
C GLU C 74 -7.91 -38.18 -3.85
N ALA C 75 -9.18 -37.82 -3.61
CA ALA C 75 -9.96 -38.49 -2.58
C ALA C 75 -10.24 -39.93 -2.96
N GLN C 76 -10.58 -40.18 -4.23
CA GLN C 76 -10.78 -41.55 -4.69
C GLN C 76 -9.49 -42.35 -4.68
N TRP C 77 -8.34 -41.68 -4.75
CA TRP C 77 -7.06 -42.38 -4.64
C TRP C 77 -6.87 -42.95 -3.24
N LEU C 78 -7.11 -42.13 -2.21
CA LEU C 78 -6.99 -42.60 -0.85
C LEU C 78 -8.09 -43.60 -0.51
N ILE C 79 -9.24 -43.50 -1.16
CA ILE C 79 -10.33 -44.45 -0.95
C ILE C 79 -9.99 -45.80 -1.56
N SER C 80 -9.38 -45.79 -2.75
CA SER C 80 -9.05 -47.04 -3.42
C SER C 80 -8.01 -47.84 -2.64
N HIS C 81 -7.10 -47.16 -1.96
CA HIS C 81 -6.07 -47.83 -1.18
C HIS C 81 -6.45 -47.97 0.29
N ASP C 82 -7.47 -47.25 0.76
CA ASP C 82 -7.91 -47.33 2.15
C ASP C 82 -9.38 -46.93 2.23
N PRO C 83 -10.29 -47.85 1.85
CA PRO C 83 -11.71 -47.50 1.81
C PRO C 83 -12.38 -47.48 3.18
N LEU C 84 -11.71 -47.92 4.23
CA LEU C 84 -12.29 -47.99 5.57
C LEU C 84 -11.96 -46.76 6.41
N GLN C 85 -11.38 -45.72 5.82
CA GLN C 85 -11.10 -44.48 6.52
C GLN C 85 -12.25 -43.50 6.30
N ALA C 86 -12.81 -42.98 7.39
CA ALA C 86 -13.95 -42.08 7.28
C ALA C 86 -13.55 -40.74 6.69
N GLY C 87 -12.35 -40.26 7.03
CA GLY C 87 -11.94 -38.94 6.55
C GLY C 87 -11.83 -38.85 5.04
N ASN C 88 -11.51 -39.97 4.38
CA ASN C 88 -11.42 -39.96 2.92
C ASN C 88 -12.78 -39.71 2.28
N TRP C 89 -13.85 -40.23 2.88
CA TRP C 89 -15.19 -40.05 2.32
C TRP C 89 -15.73 -38.65 2.58
N LEU C 90 -15.33 -38.02 3.67
CA LEU C 90 -15.73 -36.64 3.90
C LEU C 90 -15.09 -35.71 2.86
N CYS C 91 -13.85 -36.00 2.47
CA CYS C 91 -13.21 -35.20 1.43
C CYS C 91 -13.86 -35.43 0.08
N LEU C 92 -14.23 -36.67 -0.23
CA LEU C 92 -14.91 -36.96 -1.48
C LEU C 92 -16.29 -36.31 -1.52
N SER C 93 -16.98 -36.28 -0.37
CA SER C 93 -18.28 -35.62 -0.31
C SER C 93 -18.14 -34.13 -0.55
N ARG C 94 -17.09 -33.52 0.00
CA ARG C 94 -16.85 -32.09 -0.23
C ARG C 94 -16.35 -31.83 -1.63
N ALA C 95 -15.61 -32.78 -2.22
CA ALA C 95 -15.10 -32.59 -3.57
C ALA C 95 -16.21 -32.72 -4.61
N GLN C 96 -17.01 -33.78 -4.52
CA GLN C 96 -18.11 -33.96 -5.46
C GLN C 96 -19.20 -32.91 -5.27
N GLN C 97 -19.27 -32.28 -4.10
CA GLN C 97 -20.23 -31.19 -3.91
C GLN C 97 -19.86 -29.97 -4.74
N LEU C 98 -18.55 -29.70 -4.87
CA LEU C 98 -18.10 -28.58 -5.69
C LEU C 98 -18.24 -28.87 -7.17
N ASN C 99 -18.32 -30.14 -7.57
CA ASN C 99 -18.47 -30.52 -8.97
C ASN C 99 -19.91 -30.51 -9.43
N GLY C 100 -20.86 -30.11 -8.57
CA GLY C 100 -22.26 -30.11 -8.94
C GLY C 100 -22.97 -31.43 -8.80
N ASP C 101 -22.31 -32.44 -8.23
CA ASP C 101 -22.91 -33.77 -8.05
C ASP C 101 -23.36 -33.91 -6.59
N LEU C 102 -24.53 -33.32 -6.31
CA LEU C 102 -25.08 -33.41 -4.96
C LEU C 102 -25.56 -34.82 -4.63
N ASP C 103 -25.92 -35.60 -5.64
CA ASP C 103 -26.33 -36.98 -5.40
C ASP C 103 -25.13 -37.85 -5.03
N LYS C 104 -23.98 -37.62 -5.68
CA LYS C 104 -22.78 -38.36 -5.32
C LYS C 104 -22.21 -37.87 -3.99
N ALA C 105 -22.36 -36.58 -3.68
CA ALA C 105 -21.87 -36.06 -2.41
C ALA C 105 -22.68 -36.59 -1.23
N ARG C 106 -23.96 -36.88 -1.44
CA ARG C 106 -24.78 -37.40 -0.35
C ARG C 106 -24.39 -38.84 -0.02
N HIS C 107 -24.08 -39.65 -1.03
CA HIS C 107 -23.67 -41.02 -0.77
C HIS C 107 -22.31 -41.07 -0.09
N ALA C 108 -21.41 -40.15 -0.47
CA ALA C 108 -20.09 -40.11 0.16
C ALA C 108 -20.20 -39.63 1.60
N TYR C 109 -21.06 -38.66 1.87
CA TYR C 109 -21.25 -38.20 3.24
C TYR C 109 -21.93 -39.27 4.09
N GLN C 110 -22.82 -40.05 3.50
CA GLN C 110 -23.44 -41.15 4.23
C GLN C 110 -22.41 -42.20 4.62
N HIS C 111 -21.47 -42.49 3.71
CA HIS C 111 -20.41 -43.45 4.02
C HIS C 111 -19.47 -42.91 5.08
N TYR C 112 -19.33 -41.58 5.18
CA TYR C 112 -18.50 -41.00 6.22
C TYR C 112 -19.14 -41.15 7.59
N LEU C 113 -20.45 -40.94 7.69
CA LEU C 113 -21.13 -41.10 8.97
C LEU C 113 -21.18 -42.55 9.42
N GLU C 114 -21.20 -43.49 8.47
CA GLU C 114 -21.23 -44.90 8.84
C GLU C 114 -19.88 -45.38 9.34
N LEU C 115 -18.79 -44.93 8.71
CA LEU C 115 -17.46 -45.33 9.17
C LEU C 115 -17.08 -44.62 10.45
N LYS C 116 -17.50 -43.36 10.62
CA LYS C 116 -17.19 -42.63 11.84
C LYS C 116 -17.89 -43.26 13.04
N ASP C 117 -19.12 -43.73 12.86
CA ASP C 117 -19.84 -44.37 13.95
C ASP C 117 -19.38 -45.81 14.17
N HIS C 118 -18.97 -46.50 13.10
CA HIS C 118 -18.51 -47.89 13.24
C HIS C 118 -17.11 -47.97 13.82
N ASN C 119 -16.29 -46.94 13.61
CA ASN C 119 -14.93 -46.94 14.13
C ASN C 119 -14.82 -46.02 15.34
N MET D 3 -24.24 -30.78 10.88
CA MET D 3 -23.87 -29.37 10.76
C MET D 3 -22.53 -29.22 10.06
N GLU D 4 -22.43 -28.19 9.20
CA GLU D 4 -21.19 -27.95 8.48
C GLU D 4 -20.05 -27.54 9.41
N ARG D 5 -20.35 -26.97 10.58
CA ARG D 5 -19.31 -26.58 11.52
C ARG D 5 -18.48 -27.79 11.94
N LEU D 6 -19.13 -28.93 12.17
CA LEU D 6 -18.41 -30.13 12.56
C LEU D 6 -17.60 -30.68 11.39
N ALA D 7 -18.12 -30.58 10.16
CA ALA D 7 -17.39 -31.07 9.01
C ALA D 7 -16.19 -30.17 8.68
N ASP D 8 -16.28 -28.89 9.02
CA ASP D 8 -15.13 -28.00 8.79
C ASP D 8 -13.98 -28.35 9.72
N ARG D 9 -14.28 -28.60 11.00
CA ARG D 9 -13.23 -28.99 11.93
C ARG D 9 -12.68 -30.36 11.60
N ALA D 10 -13.55 -31.29 11.18
CA ALA D 10 -13.09 -32.63 10.83
C ALA D 10 -12.13 -32.61 9.65
N LEU D 11 -12.35 -31.70 8.68
CA LEU D 11 -11.43 -31.59 7.56
C LEU D 11 -10.10 -30.98 7.98
N LEU D 12 -10.14 -29.98 8.85
CA LEU D 12 -8.89 -29.38 9.32
C LEU D 12 -8.11 -30.33 10.20
N ASP D 13 -8.80 -31.11 11.04
CA ASP D 13 -8.13 -32.13 11.82
C ASP D 13 -7.62 -33.27 10.95
N PHE D 14 -8.34 -33.59 9.87
CA PHE D 14 -7.89 -34.64 8.96
C PHE D 14 -6.59 -34.23 8.28
N ALA D 15 -6.41 -32.95 7.99
CA ALA D 15 -5.19 -32.45 7.38
C ALA D 15 -4.10 -32.13 8.40
N THR D 16 -4.47 -31.95 9.66
CA THR D 16 -3.51 -31.58 10.70
C THR D 16 -2.59 -32.75 11.02
N PRO D 17 -1.28 -32.62 10.82
CA PRO D 17 -0.36 -33.71 11.16
C PRO D 17 0.05 -33.63 12.63
N HIS D 18 0.75 -34.67 13.06
CA HIS D 18 1.22 -34.74 14.44
C HIS D 18 2.35 -33.74 14.67
N ARG D 19 2.72 -33.58 15.94
CA ARG D 19 3.76 -32.64 16.36
C ARG D 19 3.44 -31.21 15.92
N ASP D 23 4.89 -27.92 17.42
CA ASP D 23 5.95 -28.73 16.82
C ASP D 23 7.24 -28.60 17.59
N LEU D 24 7.96 -29.72 17.71
CA LEU D 24 9.24 -29.74 18.43
C LEU D 24 10.37 -30.11 17.50
N LEU D 25 10.48 -29.42 16.35
CA LEU D 25 11.51 -29.72 15.37
C LEU D 25 12.42 -28.55 15.06
N ARG D 26 11.94 -27.32 15.09
CA ARG D 26 12.76 -26.15 14.79
C ARG D 26 12.73 -25.16 15.95
N PRO D 27 13.79 -25.03 16.73
CA PRO D 27 13.80 -24.00 17.78
C PRO D 27 14.45 -22.72 17.32
N VAL D 28 13.65 -21.78 16.81
CA VAL D 28 14.12 -20.49 16.30
C VAL D 28 15.24 -20.73 15.29
N ASP D 29 15.09 -21.77 14.47
CA ASP D 29 16.00 -22.08 13.39
C ASP D 29 15.28 -22.03 12.04
N PHE D 30 14.33 -21.11 11.91
CA PHE D 30 13.48 -21.09 10.73
C PHE D 30 14.21 -20.56 9.51
N HIS D 31 15.13 -19.61 9.69
CA HIS D 31 15.82 -19.02 8.55
C HIS D 31 16.76 -20.01 7.89
N GLN D 32 17.56 -20.72 8.68
CA GLN D 32 18.50 -21.68 8.11
C GLN D 32 17.77 -22.87 7.50
N ALA D 33 16.68 -23.31 8.12
CA ALA D 33 15.90 -24.40 7.56
C ALA D 33 15.21 -23.98 6.26
N MET D 34 14.88 -22.69 6.14
CA MET D 34 14.26 -22.20 4.92
C MET D 34 15.29 -22.05 3.79
N GLN D 35 16.50 -21.61 4.13
CA GLN D 35 17.56 -21.49 3.13
C GLN D 35 17.93 -22.85 2.57
N GLY D 36 18.05 -23.87 3.43
CA GLY D 36 18.37 -25.20 2.96
C GLY D 36 17.26 -25.82 2.15
N LEU D 37 16.01 -25.44 2.43
CA LEU D 37 14.89 -25.96 1.65
C LEU D 37 14.86 -25.36 0.26
N ARG D 38 15.12 -24.06 0.14
CA ARG D 38 15.17 -23.42 -1.17
C ARG D 38 16.33 -23.94 -2.01
N SER D 39 17.43 -24.34 -1.36
CA SER D 39 18.58 -24.87 -2.09
C SER D 39 18.24 -26.19 -2.76
N VAL D 40 17.49 -27.06 -2.07
CA VAL D 40 17.14 -28.35 -2.65
C VAL D 40 16.11 -28.18 -3.77
N LEU D 41 15.21 -27.21 -3.64
CA LEU D 41 14.19 -27.01 -4.65
C LEU D 41 14.71 -26.22 -5.86
N ALA D 42 15.83 -25.50 -5.71
CA ALA D 42 16.35 -24.73 -6.83
C ALA D 42 16.94 -25.62 -7.92
N GLU D 43 17.36 -26.82 -7.56
CA GLU D 43 17.93 -27.75 -8.53
C GLU D 43 16.89 -28.70 -9.12
N GLY D 44 15.59 -28.44 -8.88
CA GLY D 44 14.56 -29.28 -9.43
C GLY D 44 14.26 -28.97 -10.88
N GLN D 45 13.67 -29.96 -11.56
CA GLN D 45 13.33 -29.86 -12.98
C GLN D 45 11.83 -29.88 -13.24
N SER D 46 11.07 -30.64 -12.47
CA SER D 46 9.63 -30.72 -12.68
C SER D 46 8.97 -29.37 -12.39
N PRO D 47 7.83 -29.09 -13.04
CA PRO D 47 7.15 -27.82 -12.78
C PRO D 47 6.67 -27.67 -11.35
N GLU D 48 6.48 -28.77 -10.62
CA GLU D 48 6.10 -28.66 -9.21
C GLU D 48 7.24 -28.09 -8.38
N LEU D 49 8.48 -28.52 -8.67
CA LEU D 49 9.63 -28.00 -7.94
C LEU D 49 9.98 -26.59 -8.38
N ARG D 50 9.74 -26.26 -9.65
CA ARG D 50 10.02 -24.91 -10.13
C ARG D 50 9.06 -23.90 -9.53
N ALA D 51 7.76 -24.23 -9.49
CA ALA D 51 6.77 -23.32 -8.94
C ALA D 51 7.00 -23.08 -7.45
N ALA D 52 7.40 -24.13 -6.73
CA ALA D 52 7.71 -23.97 -5.31
C ALA D 52 8.98 -23.15 -5.11
N ALA D 53 9.95 -23.29 -6.01
CA ALA D 53 11.16 -22.48 -5.92
C ALA D 53 10.86 -21.01 -6.17
N ILE D 54 10.06 -20.71 -7.21
CA ILE D 54 9.65 -19.34 -7.47
C ILE D 54 8.84 -18.79 -6.30
N LEU D 55 8.04 -19.65 -5.67
CA LEU D 55 7.23 -19.22 -4.53
C LEU D 55 8.12 -18.82 -3.36
N LEU D 56 9.10 -19.66 -3.03
CA LEU D 56 9.98 -19.36 -1.90
C LEU D 56 10.92 -18.20 -2.19
N GLU D 57 11.26 -17.99 -3.47
CA GLU D 57 12.10 -16.84 -3.83
C GLU D 57 11.34 -15.54 -3.61
N GLN D 58 10.06 -15.49 -4.01
CA GLN D 58 9.27 -14.28 -3.82
C GLN D 58 9.01 -14.01 -2.34
N MET D 59 8.86 -15.07 -1.53
CA MET D 59 8.69 -14.87 -0.09
C MET D 59 9.96 -14.29 0.52
N HIS D 60 11.13 -14.69 0.02
CA HIS D 60 12.38 -14.14 0.53
C HIS D 60 12.55 -12.68 0.08
N ALA D 61 12.09 -12.36 -1.12
CA ALA D 61 12.16 -10.98 -1.60
C ALA D 61 11.22 -10.08 -0.82
N ASP D 62 10.02 -10.59 -0.48
CA ASP D 62 9.07 -9.81 0.31
C ASP D 62 9.56 -9.59 1.73
N GLU D 63 10.42 -10.46 2.24
CA GLU D 63 10.98 -10.27 3.57
C GLU D 63 11.84 -9.02 3.66
N GLN D 64 12.48 -8.64 2.55
CA GLN D 64 13.32 -7.44 2.55
C GLN D 64 12.49 -6.18 2.75
N LEU D 65 11.25 -6.16 2.26
CA LEU D 65 10.37 -5.02 2.55
C LEU D 65 10.00 -4.97 4.02
N MET D 66 9.82 -6.12 4.66
CA MET D 66 9.49 -6.15 6.08
C MET D 66 10.65 -5.63 6.93
N GLN D 67 11.88 -6.00 6.58
CA GLN D 67 13.02 -5.54 7.35
C GLN D 67 13.26 -4.04 7.19
N MET D 68 12.97 -3.49 6.00
CA MET D 68 13.07 -2.05 5.82
C MET D 68 11.97 -1.32 6.58
N THR D 69 10.79 -1.90 6.69
CA THR D 69 9.72 -1.30 7.49
C THR D 69 10.07 -1.34 8.97
N LEU D 70 10.60 -2.48 9.45
CA LEU D 70 10.99 -2.57 10.85
C LEU D 70 12.15 -1.64 11.18
N HIS D 71 13.04 -1.39 10.22
CA HIS D 71 14.14 -0.48 10.46
C HIS D 71 13.66 0.95 10.65
N LEU D 72 12.65 1.36 9.88
CA LEU D 72 12.08 2.69 10.04
C LEU D 72 11.26 2.83 11.32
N LEU D 73 10.75 1.73 11.86
CA LEU D 73 10.02 1.73 13.11
C LEU D 73 10.94 1.71 14.33
N HIS D 74 12.24 1.84 14.13
CA HIS D 74 13.22 1.82 15.21
C HIS D 74 13.12 0.54 16.04
N ILE E 11 -12.91 0.35 18.20
CA ILE E 11 -12.73 1.09 19.44
C ILE E 11 -11.91 0.25 20.43
N THR E 12 -12.37 -0.97 20.69
CA THR E 12 -11.67 -1.91 21.55
C THR E 12 -11.65 -3.28 20.88
N LEU E 13 -10.62 -4.06 21.21
CA LEU E 13 -10.50 -5.40 20.66
C LEU E 13 -11.57 -6.31 21.24
N THR E 14 -12.20 -7.09 20.38
CA THR E 14 -13.26 -8.01 20.77
C THR E 14 -12.82 -9.45 20.52
N LYS E 15 -13.58 -10.39 21.09
CA LYS E 15 -13.37 -11.78 20.74
C LYS E 15 -13.68 -11.98 19.26
N ARG E 16 -12.91 -12.87 18.62
CA ARG E 16 -12.76 -13.05 17.17
C ARG E 16 -11.83 -11.99 16.59
N GLN E 17 -11.35 -11.06 17.42
CA GLN E 17 -10.26 -10.14 17.10
C GLN E 17 -9.15 -10.19 18.13
N GLN E 18 -9.49 -10.33 19.42
CA GLN E 18 -8.47 -10.55 20.44
C GLN E 18 -7.74 -11.86 20.21
N GLU E 19 -8.48 -12.92 19.88
CA GLU E 19 -7.87 -14.20 19.57
C GLU E 19 -7.10 -14.18 18.25
N PHE E 20 -7.44 -13.26 17.35
CA PHE E 20 -6.75 -13.19 16.07
C PHE E 20 -5.37 -12.57 16.18
N LEU E 21 -5.20 -11.60 17.08
CA LEU E 21 -3.87 -11.05 17.31
C LEU E 21 -2.96 -12.05 18.03
N LEU E 22 -3.55 -12.91 18.86
CA LEU E 22 -2.75 -13.95 19.51
C LEU E 22 -2.29 -15.00 18.50
N LEU E 23 -3.06 -15.21 17.43
CA LEU E 23 -2.66 -16.18 16.40
C LEU E 23 -1.52 -15.63 15.55
N ASN E 24 -1.68 -14.42 15.03
CA ASN E 24 -0.66 -13.86 14.14
C ASN E 24 0.61 -13.49 14.91
N GLY E 25 0.46 -13.00 16.14
CA GLY E 25 1.63 -12.67 16.93
C GLY E 25 2.45 -13.88 17.33
N TRP E 26 1.79 -15.03 17.54
CA TRP E 26 2.51 -16.23 17.92
C TRP E 26 3.23 -16.87 16.72
N LEU E 27 2.70 -16.69 15.51
CA LEU E 27 3.35 -17.25 14.34
C LEU E 27 4.70 -16.59 14.07
N GLN E 28 4.85 -15.31 14.46
CA GLN E 28 6.12 -14.63 14.25
C GLN E 28 7.20 -15.18 15.18
N LEU E 29 6.82 -15.52 16.42
CA LEU E 29 7.78 -16.11 17.36
C LEU E 29 8.23 -17.49 16.89
N GLN E 30 7.34 -18.24 16.24
CA GLN E 30 7.72 -19.55 15.72
C GLN E 30 8.70 -19.43 14.56
N CYS E 31 8.47 -18.47 13.66
CA CYS E 31 9.29 -18.29 12.47
C CYS E 31 10.52 -17.43 12.72
N GLY E 32 10.93 -17.27 13.98
CA GLY E 32 12.12 -16.50 14.27
C GLY E 32 12.00 -15.02 14.04
N HIS E 33 10.82 -14.45 14.29
CA HIS E 33 10.57 -13.01 14.14
C HIS E 33 10.23 -12.47 15.52
N ALA E 34 11.25 -12.18 16.32
CA ALA E 34 11.02 -11.73 17.68
C ALA E 34 10.55 -10.28 17.72
N GLU E 35 11.07 -9.44 16.83
CA GLU E 35 10.67 -8.04 16.83
C GLU E 35 9.23 -7.88 16.35
N ARG E 36 8.85 -8.61 15.31
CA ARG E 36 7.46 -8.55 14.84
C ARG E 36 6.50 -9.18 15.84
N ALA E 37 6.98 -10.13 16.64
CA ALA E 37 6.12 -10.73 17.66
C ALA E 37 5.81 -9.75 18.77
N CYS E 38 6.72 -8.81 19.04
CA CYS E 38 6.48 -7.82 20.09
C CYS E 38 5.53 -6.72 19.62
N ILE E 39 5.62 -6.34 18.35
CA ILE E 39 4.77 -5.26 17.84
C ILE E 39 3.31 -5.70 17.80
N LEU E 40 3.05 -6.94 17.41
CA LEU E 40 1.67 -7.43 17.34
C LEU E 40 1.09 -7.66 18.72
N LEU E 41 1.89 -8.22 19.64
CA LEU E 41 1.39 -8.50 20.98
C LEU E 41 1.24 -7.23 21.82
N ASP E 42 2.00 -6.17 21.50
CA ASP E 42 1.80 -4.90 22.18
C ASP E 42 0.49 -4.24 21.78
N ALA E 43 -0.09 -4.63 20.64
CA ALA E 43 -1.39 -4.11 20.24
C ALA E 43 -2.52 -4.84 20.97
N LEU E 44 -2.38 -6.16 21.15
CA LEU E 44 -3.40 -6.91 21.86
C LEU E 44 -3.41 -6.58 23.34
N LEU E 45 -2.24 -6.42 23.94
CA LEU E 45 -2.13 -6.12 25.36
C LEU E 45 -2.32 -4.64 25.67
N THR E 46 -2.59 -3.82 24.67
CA THR E 46 -2.89 -2.40 24.89
C THR E 46 -4.38 -2.19 25.12
N LEU E 47 -5.21 -2.68 24.20
CA LEU E 47 -6.66 -2.55 24.35
C LEU E 47 -7.25 -3.60 25.29
N ASN E 48 -6.57 -4.73 25.48
CA ASN E 48 -7.02 -5.79 26.38
C ASN E 48 -5.81 -6.42 27.05
N PRO E 49 -5.32 -5.83 28.14
CA PRO E 49 -4.17 -6.41 28.84
C PRO E 49 -4.52 -7.75 29.47
N GLU E 50 -3.49 -8.44 29.95
CA GLU E 50 -3.62 -9.74 30.59
C GLU E 50 -4.30 -10.75 29.67
N ALA E 53 -3.05 -14.89 27.95
CA ALA E 53 -1.96 -15.58 27.30
C ALA E 53 -1.14 -14.62 26.44
N GLY E 54 -1.55 -13.34 26.45
CA GLY E 54 -0.82 -12.35 25.68
C GLY E 54 0.54 -12.02 26.28
N ARG E 55 0.63 -12.01 27.61
CA ARG E 55 1.90 -11.73 28.28
C ARG E 55 2.85 -12.92 28.24
N ARG E 56 2.33 -14.14 28.10
CA ARG E 56 3.20 -15.31 28.01
C ARG E 56 3.97 -15.33 26.70
N CYS E 57 3.27 -15.12 25.58
CA CYS E 57 3.93 -15.11 24.28
C CYS E 57 4.83 -13.90 24.10
N ARG E 58 4.58 -12.81 24.81
CA ARG E 58 5.42 -11.63 24.70
C ARG E 58 6.74 -11.79 25.46
N LEU E 59 6.73 -12.51 26.59
CA LEU E 59 7.93 -12.66 27.38
C LEU E 59 9.02 -13.37 26.60
N VAL E 60 8.68 -14.49 25.95
CA VAL E 60 9.66 -15.19 25.12
C VAL E 60 10.03 -14.36 23.91
N ALA E 61 9.09 -13.57 23.38
CA ALA E 61 9.41 -12.67 22.28
C ALA E 61 10.41 -11.60 22.71
N LEU E 62 10.36 -11.18 23.97
CA LEU E 62 11.33 -10.21 24.47
C LEU E 62 12.68 -10.85 24.69
N LEU E 63 12.71 -12.13 25.05
CA LEU E 63 13.98 -12.83 25.28
C LEU E 63 14.73 -13.04 23.96
N ASN E 64 14.02 -13.48 22.92
CA ASN E 64 14.65 -13.71 21.62
C ASN E 64 14.99 -12.42 20.90
N ASN E 65 14.53 -11.28 21.39
CA ASN E 65 14.85 -9.98 20.79
C ASN E 65 15.98 -9.26 21.50
N ASN E 66 16.62 -9.93 22.47
CA ASN E 66 17.72 -9.36 23.25
C ASN E 66 17.32 -8.07 23.96
N GLN E 67 16.07 -8.00 24.41
CA GLN E 67 15.55 -6.86 25.14
C GLN E 67 15.39 -7.27 26.61
N GLY E 68 16.53 -7.29 27.32
CA GLY E 68 16.51 -7.65 28.73
C GLY E 68 15.83 -6.63 29.62
N GLU E 69 15.78 -5.36 29.18
CA GLU E 69 15.11 -4.34 29.96
C GLU E 69 13.59 -4.51 29.96
N ARG E 70 13.04 -5.18 28.95
CA ARG E 70 11.61 -5.43 28.89
C ARG E 70 11.21 -6.80 29.43
N ALA E 71 12.11 -7.79 29.34
CA ALA E 71 11.77 -9.13 29.82
C ALA E 71 11.60 -9.15 31.33
N GLU E 72 12.41 -8.39 32.06
CA GLU E 72 12.29 -8.34 33.51
C GLU E 72 11.06 -7.57 33.96
N LYS E 73 10.45 -6.78 33.07
CA LYS E 73 9.24 -6.07 33.42
C LYS E 73 8.03 -6.99 33.54
N GLU E 74 8.08 -8.17 32.93
CA GLU E 74 6.98 -9.12 32.97
C GLU E 74 7.09 -10.09 34.15
N ALA E 75 7.89 -9.76 35.15
CA ALA E 75 8.03 -10.61 36.33
C ALA E 75 7.62 -9.87 37.59
N LEU F 6 17.90 -27.85 26.42
CA LEU F 6 16.77 -28.31 27.23
C LEU F 6 15.94 -27.13 27.71
N ALA F 7 16.61 -26.03 28.04
CA ALA F 7 15.90 -24.84 28.48
C ALA F 7 15.16 -24.16 27.33
N ASP F 8 15.64 -24.34 26.10
CA ASP F 8 14.98 -23.74 24.95
C ASP F 8 13.60 -24.34 24.72
N ARG F 9 13.48 -25.66 24.85
CA ARG F 9 12.18 -26.30 24.69
C ARG F 9 11.21 -25.88 25.79
N ALA F 10 11.70 -25.77 27.02
CA ALA F 10 10.83 -25.38 28.13
C ALA F 10 10.30 -23.95 27.96
N LEU F 11 11.11 -23.06 27.38
CA LEU F 11 10.64 -21.69 27.16
C LEU F 11 9.60 -21.63 26.04
N LEU F 12 9.79 -22.42 24.98
CA LEU F 12 8.83 -22.42 23.88
C LEU F 12 7.51 -23.06 24.28
N ASP F 13 7.55 -24.10 25.13
CA ASP F 13 6.32 -24.73 25.59
C ASP F 13 5.52 -23.80 26.50
N PHE F 14 6.21 -22.99 27.31
CA PHE F 14 5.50 -22.06 28.18
C PHE F 14 4.78 -20.96 27.41
N ALA F 15 5.33 -20.54 26.27
CA ALA F 15 4.73 -19.46 25.50
C ALA F 15 3.64 -19.92 24.54
N THR F 16 3.59 -21.21 24.21
CA THR F 16 2.62 -21.68 23.22
C THR F 16 1.21 -21.66 23.78
N PRO F 17 0.30 -20.86 23.23
CA PRO F 17 -1.09 -20.88 23.70
C PRO F 17 -1.91 -21.93 22.96
N HIS F 18 -3.06 -22.25 23.55
CA HIS F 18 -3.97 -23.23 22.95
C HIS F 18 -4.81 -22.58 21.85
N LEU F 25 -9.43 -22.69 14.82
CA LEU F 25 -10.37 -21.74 15.38
C LEU F 25 -11.07 -20.95 14.28
N ARG F 26 -10.37 -20.73 13.18
CA ARG F 26 -10.90 -19.97 12.05
C ARG F 26 -10.86 -20.83 10.79
N PRO F 27 -11.99 -21.28 10.27
CA PRO F 27 -11.97 -22.10 9.06
C PRO F 27 -12.08 -21.29 7.77
N VAL F 28 -10.93 -21.01 7.16
CA VAL F 28 -10.84 -20.25 5.91
C VAL F 28 -11.57 -18.91 6.06
N ASP F 29 -11.41 -18.27 7.22
CA ASP F 29 -11.95 -16.93 7.46
C ASP F 29 -10.82 -15.95 7.74
N PHE F 30 -9.67 -16.16 7.12
CA PHE F 30 -8.49 -15.33 7.40
C PHE F 30 -8.56 -13.97 6.74
N HIS F 31 -9.15 -13.89 5.54
CA HIS F 31 -9.18 -12.63 4.81
C HIS F 31 -10.10 -11.61 5.49
N GLN F 32 -11.31 -12.03 5.88
CA GLN F 32 -12.24 -11.11 6.52
C GLN F 32 -11.76 -10.69 7.90
N ALA F 33 -11.17 -11.63 8.65
CA ALA F 33 -10.65 -11.30 9.97
C ALA F 33 -9.45 -10.36 9.90
N MET F 34 -8.69 -10.41 8.80
CA MET F 34 -7.54 -9.53 8.66
C MET F 34 -7.96 -8.11 8.32
N GLN F 35 -9.01 -7.96 7.50
CA GLN F 35 -9.50 -6.62 7.17
C GLN F 35 -10.03 -5.90 8.41
N GLY F 36 -10.78 -6.62 9.25
CA GLY F 36 -11.29 -6.01 10.47
C GLY F 36 -10.20 -5.69 11.48
N LEU F 37 -9.12 -6.47 11.48
CA LEU F 37 -8.03 -6.20 12.42
C LEU F 37 -7.26 -4.95 12.05
N ARG F 38 -7.10 -4.68 10.75
CA ARG F 38 -6.36 -3.49 10.32
C ARG F 38 -7.19 -2.23 10.50
N SER F 39 -8.53 -2.34 10.47
CA SER F 39 -9.37 -1.17 10.62
C SER F 39 -9.39 -0.67 12.07
N VAL F 40 -9.42 -1.60 13.03
CA VAL F 40 -9.46 -1.20 14.43
C VAL F 40 -8.12 -0.60 14.86
N LEU F 41 -7.01 -1.12 14.33
CA LEU F 41 -5.69 -0.60 14.71
C LEU F 41 -5.32 0.67 13.96
N ALA F 42 -5.97 0.95 12.84
CA ALA F 42 -5.67 2.16 12.07
C ALA F 42 -6.16 3.43 12.76
N GLU F 43 -7.17 3.32 13.61
CA GLU F 43 -7.72 4.48 14.32
C GLU F 43 -7.06 4.70 15.68
N GLY F 44 -5.95 4.01 15.95
CA GLY F 44 -5.25 4.19 17.21
C GLY F 44 -4.37 5.43 17.22
N GLN F 45 -4.05 5.88 18.43
CA GLN F 45 -3.23 7.07 18.62
C GLN F 45 -1.87 6.77 19.23
N SER F 46 -1.78 5.79 20.12
CA SER F 46 -0.52 5.47 20.76
C SER F 46 0.45 4.89 19.72
N PRO F 47 1.76 5.07 19.92
CA PRO F 47 2.73 4.52 18.95
C PRO F 47 2.71 3.00 18.87
N GLU F 48 2.21 2.31 19.90
CA GLU F 48 2.12 0.85 19.84
C GLU F 48 1.04 0.42 18.85
N LEU F 49 -0.10 1.12 18.84
CA LEU F 49 -1.16 0.77 17.89
C LEU F 49 -0.83 1.23 16.47
N ARG F 50 -0.11 2.34 16.33
CA ARG F 50 0.27 2.81 15.01
C ARG F 50 1.28 1.87 14.36
N ALA F 51 2.29 1.43 15.13
CA ALA F 51 3.30 0.53 14.59
C ALA F 51 2.68 -0.80 14.18
N ALA F 52 1.70 -1.28 14.95
CA ALA F 52 1.03 -2.53 14.58
C ALA F 52 0.18 -2.36 13.32
N ALA F 53 -0.41 -1.18 13.13
CA ALA F 53 -1.15 -0.93 11.90
C ALA F 53 -0.22 -0.88 10.70
N ILE F 54 0.92 -0.19 10.84
CA ILE F 54 1.90 -0.15 9.76
C ILE F 54 2.43 -1.55 9.46
N LEU F 55 2.59 -2.37 10.49
CA LEU F 55 3.08 -3.73 10.30
C LEU F 55 2.09 -4.56 9.47
N LEU F 56 0.80 -4.48 9.81
CA LEU F 56 -0.20 -5.25 9.08
C LEU F 56 -0.41 -4.70 7.67
N GLU F 57 -0.15 -3.41 7.45
CA GLU F 57 -0.27 -2.85 6.10
C GLU F 57 0.80 -3.42 5.18
N GLN F 58 2.04 -3.51 5.66
CA GLN F 58 3.10 -4.07 4.83
C GLN F 58 2.90 -5.56 4.58
N MET F 59 2.33 -6.28 5.55
CA MET F 59 2.00 -7.68 5.33
C MET F 59 0.93 -7.85 4.26
N HIS F 60 -0.03 -6.93 4.22
CA HIS F 60 -1.05 -6.98 3.18
C HIS F 60 -0.49 -6.62 1.82
N ALA F 61 0.47 -5.69 1.77
CA ALA F 61 1.10 -5.34 0.51
C ALA F 61 1.93 -6.49 -0.03
N ASP F 62 2.63 -7.21 0.84
CA ASP F 62 3.41 -8.36 0.39
C ASP F 62 2.51 -9.50 -0.06
N GLU F 63 1.30 -9.60 0.50
CA GLU F 63 0.37 -10.64 0.05
C GLU F 63 -0.09 -10.37 -1.37
N GLN F 64 -0.28 -9.10 -1.73
CA GLN F 64 -0.67 -8.76 -3.09
C GLN F 64 0.47 -9.02 -4.08
N LEU F 65 1.72 -8.84 -3.63
CA LEU F 65 2.86 -9.18 -4.47
C LEU F 65 2.91 -10.68 -4.72
N MET F 66 2.53 -11.48 -3.73
CA MET F 66 2.49 -12.93 -3.92
C MET F 66 1.43 -13.32 -4.93
N GLN F 67 0.28 -12.64 -4.92
CA GLN F 67 -0.79 -12.95 -5.85
C GLN F 67 -0.41 -12.60 -7.28
N MET F 68 0.40 -11.56 -7.49
CA MET F 68 0.89 -11.27 -8.83
C MET F 68 1.86 -12.34 -9.31
N THR F 69 2.66 -12.90 -8.40
CA THR F 69 3.53 -14.01 -8.76
C THR F 69 2.71 -15.27 -9.07
N LEU F 70 1.68 -15.54 -8.27
CA LEU F 70 0.82 -16.69 -8.53
C LEU F 70 0.03 -16.52 -9.82
N HIS F 71 -0.35 -15.28 -10.15
CA HIS F 71 -1.09 -15.04 -11.39
C HIS F 71 -0.23 -15.33 -12.61
N LEU F 72 1.06 -14.98 -12.55
CA LEU F 72 1.96 -15.25 -13.66
C LEU F 72 2.28 -16.74 -13.80
N LEU F 73 2.15 -17.51 -12.73
CA LEU F 73 2.35 -18.95 -12.78
C LEU F 73 1.12 -19.71 -13.29
N HIS F 74 0.10 -19.00 -13.76
CA HIS F 74 -1.14 -19.60 -14.24
C HIS F 74 -1.80 -20.47 -13.17
N THR G 12 -16.33 -1.18 -11.10
CA THR G 12 -16.66 0.16 -11.55
C THR G 12 -16.00 1.21 -10.67
N LEU G 13 -15.79 2.41 -11.23
CA LEU G 13 -15.14 3.51 -10.53
C LEU G 13 -16.04 4.73 -10.59
N THR G 14 -16.28 5.35 -9.43
CA THR G 14 -17.13 6.52 -9.37
C THR G 14 -16.45 7.72 -10.02
N LYS G 15 -17.26 8.73 -10.34
CA LYS G 15 -16.74 9.91 -11.02
C LYS G 15 -15.71 10.64 -10.17
N ARG G 16 -15.91 10.68 -8.85
CA ARG G 16 -14.94 11.32 -7.97
C ARG G 16 -13.67 10.48 -7.86
N GLN G 17 -13.80 9.16 -7.87
CA GLN G 17 -12.62 8.29 -7.78
C GLN G 17 -11.80 8.31 -9.06
N GLN G 18 -12.45 8.46 -10.22
CA GLN G 18 -11.72 8.51 -11.48
C GLN G 18 -10.82 9.74 -11.54
N GLU G 19 -11.35 10.91 -11.19
CA GLU G 19 -10.56 12.14 -11.19
C GLU G 19 -9.54 12.14 -10.06
N PHE G 20 -9.85 11.48 -8.94
CA PHE G 20 -8.92 11.40 -7.82
C PHE G 20 -7.69 10.58 -8.18
N LEU G 21 -7.88 9.50 -8.94
CA LEU G 21 -6.74 8.71 -9.39
C LEU G 21 -5.91 9.47 -10.42
N LEU G 22 -6.56 10.30 -11.25
CA LEU G 22 -5.83 11.13 -12.20
C LEU G 22 -4.96 12.16 -11.48
N LEU G 23 -5.44 12.69 -10.36
CA LEU G 23 -4.65 13.66 -9.60
C LEU G 23 -3.38 13.03 -9.04
N ASN G 24 -3.50 11.81 -8.51
CA ASN G 24 -2.32 11.14 -7.96
C ASN G 24 -1.31 10.82 -9.06
N GLY G 25 -1.78 10.38 -10.23
CA GLY G 25 -0.88 10.17 -11.35
C GLY G 25 -0.25 11.45 -11.85
N TRP G 26 -0.97 12.57 -11.74
CA TRP G 26 -0.43 13.85 -12.20
C TRP G 26 0.62 14.38 -11.22
N LEU G 27 0.40 14.17 -9.92
CA LEU G 27 1.38 14.64 -8.93
C LEU G 27 2.69 13.85 -9.03
N GLN G 28 2.62 12.55 -9.35
CA GLN G 28 3.84 11.77 -9.52
C GLN G 28 4.63 12.22 -10.74
N LEU G 29 3.96 12.64 -11.80
CA LEU G 29 4.65 13.09 -13.00
C LEU G 29 5.44 14.37 -12.73
N GLN G 30 4.89 15.26 -11.89
CA GLN G 30 5.58 16.51 -11.59
C GLN G 30 6.81 16.29 -10.73
N CYS G 31 6.82 15.24 -9.91
CA CYS G 31 7.94 14.93 -9.03
C CYS G 31 8.99 14.03 -9.70
N GLY G 32 8.94 13.89 -11.02
CA GLY G 32 9.89 13.04 -11.70
C GLY G 32 9.64 11.56 -11.53
N HIS G 33 8.45 11.17 -11.07
CA HIS G 33 8.11 9.76 -10.88
C HIS G 33 7.22 9.30 -12.04
N ALA G 34 7.86 9.15 -13.20
CA ALA G 34 7.12 8.76 -14.39
C ALA G 34 6.62 7.32 -14.32
N GLU G 35 7.38 6.43 -13.68
CA GLU G 35 6.95 5.05 -13.58
C GLU G 35 5.70 4.90 -12.73
N ARG G 36 5.67 5.58 -11.58
CA ARG G 36 4.48 5.53 -10.74
C ARG G 36 3.30 6.23 -11.39
N ALA G 37 3.55 7.25 -12.21
CA ALA G 37 2.46 7.90 -12.93
C ALA G 37 1.83 6.97 -13.94
N CYS G 38 2.65 6.15 -14.61
CA CYS G 38 2.11 5.20 -15.57
C CYS G 38 1.32 4.11 -14.86
N ILE G 39 1.79 3.67 -13.69
CA ILE G 39 1.10 2.60 -12.95
C ILE G 39 -0.26 3.07 -12.49
N LEU G 40 -0.35 4.30 -11.96
CA LEU G 40 -1.63 4.81 -11.50
C LEU G 40 -2.59 5.06 -12.66
N LEU G 41 -2.09 5.61 -13.76
CA LEU G 41 -2.94 5.92 -14.91
C LEU G 41 -3.26 4.68 -15.75
N ASP G 42 -2.49 3.61 -15.60
CA ASP G 42 -2.86 2.35 -16.25
C ASP G 42 -4.14 1.78 -15.65
N ALA G 43 -4.31 1.91 -14.33
CA ALA G 43 -5.53 1.44 -13.69
C ALA G 43 -6.73 2.31 -14.06
N LEU G 44 -6.51 3.62 -14.16
CA LEU G 44 -7.60 4.53 -14.53
C LEU G 44 -8.09 4.23 -15.94
N LEU G 45 -7.17 4.04 -16.88
CA LEU G 45 -7.54 3.77 -18.26
C LEU G 45 -7.92 2.31 -18.51
N THR G 46 -7.76 1.44 -17.52
CA THR G 46 -8.28 0.08 -17.63
C THR G 46 -9.76 0.02 -17.24
N LEU G 47 -10.12 0.66 -16.14
CA LEU G 47 -11.52 0.70 -15.72
C LEU G 47 -12.34 1.64 -16.60
N ASN G 48 -11.75 2.77 -17.00
CA ASN G 48 -12.42 3.77 -17.84
C ASN G 48 -11.50 4.13 -18.99
N PRO G 49 -11.52 3.36 -20.08
CA PRO G 49 -10.65 3.67 -21.23
C PRO G 49 -11.02 4.97 -21.92
N GLU G 50 -12.22 5.49 -21.71
CA GLU G 50 -12.65 6.72 -22.38
C GLU G 50 -12.21 7.99 -21.67
N HIS G 51 -11.47 7.87 -20.57
CA HIS G 51 -11.00 9.03 -19.84
C HIS G 51 -9.97 9.77 -20.69
N LEU G 52 -10.36 10.91 -21.26
CA LEU G 52 -9.49 11.61 -22.20
C LEU G 52 -8.33 12.29 -21.48
N ALA G 53 -8.59 12.88 -20.31
CA ALA G 53 -7.52 13.54 -19.57
C ALA G 53 -6.49 12.55 -19.05
N GLY G 54 -6.91 11.32 -18.74
CA GLY G 54 -5.97 10.33 -18.26
C GLY G 54 -5.04 9.82 -19.34
N ARG G 55 -5.50 9.79 -20.59
CA ARG G 55 -4.65 9.35 -21.68
C ARG G 55 -3.60 10.39 -22.02
N ARG G 56 -3.96 11.67 -21.98
CA ARG G 56 -3.00 12.72 -22.24
C ARG G 56 -1.92 12.76 -21.16
N CYS G 57 -2.30 12.56 -19.90
CA CYS G 57 -1.33 12.60 -18.82
C CYS G 57 -0.41 11.39 -18.85
N ARG G 58 -0.94 10.21 -19.18
CA ARG G 58 -0.11 9.02 -19.29
C ARG G 58 0.79 9.08 -20.51
N LEU G 59 0.30 9.68 -21.61
CA LEU G 59 1.11 9.81 -22.81
C LEU G 59 2.39 10.60 -22.54
N VAL G 60 2.27 11.71 -21.82
CA VAL G 60 3.46 12.46 -21.43
C VAL G 60 4.28 11.68 -20.41
N ALA G 61 3.61 10.92 -19.53
CA ALA G 61 4.33 10.09 -18.58
C ALA G 61 5.10 8.97 -19.27
N LEU G 62 4.56 8.43 -20.37
CA LEU G 62 5.29 7.42 -21.13
C LEU G 62 6.51 8.02 -21.83
N LEU G 63 6.43 9.28 -22.25
CA LEU G 63 7.57 9.93 -22.89
C LEU G 63 8.71 10.11 -21.91
N ASN G 64 8.41 10.47 -20.66
CA ASN G 64 9.43 10.64 -19.64
C ASN G 64 9.91 9.32 -19.06
N ASN G 65 9.29 8.21 -19.44
CA ASN G 65 9.67 6.89 -18.95
C ASN G 65 10.43 6.08 -19.99
N ASN G 66 10.86 6.72 -21.08
CA ASN G 66 11.64 6.06 -22.13
C ASN G 66 10.86 4.90 -22.78
N GLN G 67 9.56 5.10 -22.95
CA GLN G 67 8.70 4.12 -23.62
C GLN G 67 8.20 4.73 -24.92
N GLY G 68 9.13 4.97 -25.85
CA GLY G 68 8.77 5.58 -27.11
C GLY G 68 7.97 4.67 -28.02
N GLU G 69 8.20 3.36 -27.93
CA GLU G 69 7.45 2.41 -28.75
C GLU G 69 6.00 2.33 -28.32
N ARG G 70 5.72 2.61 -27.05
CA ARG G 70 4.35 2.60 -26.52
C ARG G 70 3.70 3.97 -26.60
N ALA G 71 4.47 5.04 -26.38
CA ALA G 71 3.91 6.39 -26.48
C ALA G 71 3.56 6.75 -27.92
N GLU G 72 4.23 6.13 -28.90
CA GLU G 72 3.90 6.39 -30.29
C GLU G 72 2.49 5.89 -30.62
N LYS G 73 2.17 4.68 -30.17
CA LYS G 73 0.83 4.14 -30.41
C LYS G 73 -0.22 4.86 -29.59
N GLU G 74 0.16 5.39 -28.42
CA GLU G 74 -0.79 6.17 -27.62
C GLU G 74 -1.04 7.55 -28.24
N ALA G 75 0.01 8.15 -28.82
CA ALA G 75 -0.18 9.43 -29.50
C ALA G 75 -1.05 9.28 -30.74
N GLN G 76 -0.84 8.22 -31.51
CA GLN G 76 -1.68 7.95 -32.66
C GLN G 76 -3.11 7.59 -32.27
N TRP G 77 -3.32 7.12 -31.03
CA TRP G 77 -4.67 6.84 -30.57
C TRP G 77 -5.45 8.13 -30.38
N LEU G 78 -4.84 9.12 -29.71
CA LEU G 78 -5.51 10.40 -29.50
C LEU G 78 -5.71 11.16 -30.81
N ILE G 79 -4.86 10.90 -31.81
CA ILE G 79 -5.03 11.55 -33.10
C ILE G 79 -6.27 11.02 -33.81
N SER G 80 -6.48 9.70 -33.78
CA SER G 80 -7.63 9.11 -34.45
C SER G 80 -8.94 9.48 -33.77
N HIS G 81 -8.94 9.61 -32.44
CA HIS G 81 -10.14 9.93 -31.69
C HIS G 81 -10.31 11.42 -31.43
N ASP G 82 -9.27 12.22 -31.64
CA ASP G 82 -9.34 13.67 -31.42
C ASP G 82 -8.34 14.35 -32.36
N PRO G 83 -8.70 14.48 -33.64
CA PRO G 83 -7.76 15.05 -34.61
C PRO G 83 -7.63 16.56 -34.56
N LEU G 84 -8.46 17.25 -33.78
CA LEU G 84 -8.43 18.70 -33.72
C LEU G 84 -7.56 19.22 -32.59
N GLN G 85 -6.85 18.35 -31.88
CA GLN G 85 -5.93 18.75 -30.83
C GLN G 85 -4.51 18.80 -31.38
N ALA G 86 -3.85 19.95 -31.22
CA ALA G 86 -2.48 20.08 -31.71
C ALA G 86 -1.49 19.29 -30.86
N GLY G 87 -1.76 19.18 -29.55
CA GLY G 87 -0.82 18.50 -28.66
C GLY G 87 -0.62 17.03 -28.99
N ASN G 88 -1.61 16.40 -29.64
CA ASN G 88 -1.46 14.99 -29.99
C ASN G 88 -0.32 14.78 -30.98
N TRP G 89 -0.13 15.71 -31.90
CA TRP G 89 0.94 15.58 -32.88
C TRP G 89 2.31 15.91 -32.29
N LEU G 90 2.37 16.78 -31.29
CA LEU G 90 3.63 17.06 -30.62
C LEU G 90 4.10 15.84 -29.84
N CYS G 91 3.17 15.10 -29.24
CA CYS G 91 3.54 13.88 -28.53
C CYS G 91 4.05 12.81 -29.50
N LEU G 92 3.42 12.71 -30.67
CA LEU G 92 3.87 11.75 -31.67
C LEU G 92 5.26 12.11 -32.19
N SER G 93 5.55 13.41 -32.33
CA SER G 93 6.87 13.84 -32.74
C SER G 93 7.92 13.50 -31.70
N ARG G 94 7.58 13.66 -30.42
CA ARG G 94 8.53 13.31 -29.36
C ARG G 94 8.66 11.80 -29.19
N ALA G 95 7.60 11.06 -29.47
CA ALA G 95 7.66 9.60 -29.35
C ALA G 95 8.48 8.99 -30.47
N GLN G 96 8.20 9.39 -31.71
CA GLN G 96 8.96 8.87 -32.85
C GLN G 96 10.42 9.30 -32.83
N GLN G 97 10.74 10.38 -32.12
CA GLN G 97 12.14 10.79 -31.98
C GLN G 97 12.92 9.79 -31.15
N LEU G 98 12.29 9.22 -30.11
CA LEU G 98 12.96 8.22 -29.29
C LEU G 98 13.11 6.89 -30.00
N ASN G 99 12.29 6.63 -31.02
CA ASN G 99 12.36 5.37 -31.76
C ASN G 99 13.43 5.39 -32.86
N GLY G 100 14.21 6.47 -32.95
CA GLY G 100 15.22 6.56 -33.98
C GLY G 100 14.74 7.04 -35.33
N ASP G 101 13.48 7.46 -35.43
CA ASP G 101 12.92 7.95 -36.69
C ASP G 101 12.88 9.47 -36.63
N LEU G 102 14.05 10.07 -36.86
CA LEU G 102 14.13 11.54 -36.83
C LEU G 102 13.45 12.17 -38.04
N ASP G 103 13.39 11.45 -39.16
CA ASP G 103 12.71 11.98 -40.34
C ASP G 103 11.20 12.00 -40.15
N LYS G 104 10.64 10.96 -39.54
CA LYS G 104 9.21 10.93 -39.28
C LYS G 104 8.83 11.87 -38.13
N ALA G 105 9.72 12.04 -37.16
CA ALA G 105 9.43 12.93 -36.03
C ALA G 105 9.40 14.40 -36.47
N ARG G 106 10.17 14.75 -37.50
CA ARG G 106 10.18 16.12 -37.97
C ARG G 106 8.88 16.48 -38.67
N HIS G 107 8.31 15.55 -39.43
CA HIS G 107 7.04 15.80 -40.11
C HIS G 107 5.88 15.94 -39.13
N ALA G 108 5.93 15.21 -38.01
CA ALA G 108 4.86 15.32 -37.02
C ALA G 108 4.87 16.67 -36.34
N TYR G 109 6.06 17.24 -36.10
CA TYR G 109 6.14 18.57 -35.51
C TYR G 109 5.60 19.65 -36.44
N GLN G 110 5.76 19.47 -37.75
CA GLN G 110 5.22 20.45 -38.70
C GLN G 110 3.70 20.50 -38.63
N HIS G 111 3.04 19.34 -38.48
CA HIS G 111 1.58 19.33 -38.34
C HIS G 111 1.13 19.97 -37.04
N TYR G 112 1.97 19.97 -36.01
CA TYR G 112 1.60 20.59 -34.75
C TYR G 112 1.55 22.11 -34.88
N LEU G 113 2.49 22.70 -35.63
CA LEU G 113 2.51 24.15 -35.81
C LEU G 113 1.32 24.64 -36.62
N GLU G 114 0.79 23.80 -37.51
CA GLU G 114 -0.34 24.22 -38.33
C GLU G 114 -1.64 24.26 -37.53
N LEU G 115 -1.84 23.27 -36.66
CA LEU G 115 -3.06 23.25 -35.85
C LEU G 115 -3.01 24.27 -34.72
N LYS G 116 -1.82 24.52 -34.17
CA LYS G 116 -1.72 25.48 -33.07
C LYS G 116 -2.06 26.90 -33.53
N ASP G 117 -1.69 27.25 -34.77
CA ASP G 117 -2.00 28.58 -35.27
C ASP G 117 -3.46 28.73 -35.66
N HIS G 118 -4.09 27.65 -36.12
CA HIS G 118 -5.49 27.69 -36.53
C HIS G 118 -6.42 27.74 -35.32
N GLU H 4 14.77 19.66 -26.88
CA GLU H 4 14.58 21.00 -26.35
C GLU H 4 13.68 20.99 -25.12
N ARG H 5 14.02 21.83 -24.13
CA ARG H 5 13.19 21.99 -22.96
C ARG H 5 11.95 22.83 -23.23
N LEU H 6 11.89 23.52 -24.37
CA LEU H 6 10.70 24.28 -24.73
C LEU H 6 9.52 23.35 -24.99
N ALA H 7 9.79 22.18 -25.58
CA ALA H 7 8.76 21.19 -25.83
C ALA H 7 8.28 20.52 -24.54
N ASP H 8 9.10 20.54 -23.49
CA ASP H 8 8.70 19.92 -22.22
C ASP H 8 7.50 20.63 -21.60
N ARG H 9 7.48 21.96 -21.64
CA ARG H 9 6.32 22.68 -21.10
C ARG H 9 5.07 22.39 -21.92
N ALA H 10 5.20 22.36 -23.24
CA ALA H 10 4.05 22.09 -24.08
C ALA H 10 3.50 20.70 -23.79
N LEU H 11 4.38 19.75 -23.47
CA LEU H 11 3.94 18.43 -23.08
C LEU H 11 3.33 18.44 -21.68
N LEU H 12 3.93 19.19 -20.76
CA LEU H 12 3.38 19.28 -19.40
C LEU H 12 2.06 20.04 -19.39
N ASP H 13 1.94 21.09 -20.21
CA ASP H 13 0.66 21.78 -20.32
C ASP H 13 -0.38 20.90 -21.00
N PHE H 14 0.05 20.07 -21.94
CA PHE H 14 -0.86 19.13 -22.59
C PHE H 14 -1.37 18.09 -21.60
N ALA H 15 -0.53 17.70 -20.63
CA ALA H 15 -0.92 16.72 -19.63
C ALA H 15 -1.64 17.35 -18.44
N THR H 16 -1.52 18.65 -18.26
CA THR H 16 -2.14 19.33 -17.12
C THR H 16 -3.65 19.35 -17.28
N PRO H 17 -4.42 18.76 -16.36
CA PRO H 17 -5.89 18.77 -16.42
C PRO H 17 -6.49 20.02 -15.80
N LEU H 25 -9.19 20.14 -6.79
CA LEU H 25 -10.51 19.62 -7.15
C LEU H 25 -11.25 19.10 -5.92
N ARG H 26 -10.49 18.61 -4.94
CA ARG H 26 -11.05 18.06 -3.70
C ARG H 26 -10.47 18.80 -2.51
N PRO H 27 -11.27 19.56 -1.76
CA PRO H 27 -10.74 20.31 -0.61
C PRO H 27 -10.73 19.50 0.67
N VAL H 28 -9.56 18.95 1.00
CA VAL H 28 -9.34 18.14 2.19
C VAL H 28 -10.30 16.95 2.21
N ASP H 29 -10.50 16.34 1.04
CA ASP H 29 -11.26 15.10 0.93
C ASP H 29 -10.37 13.98 0.41
N PHE H 30 -9.08 14.03 0.76
CA PHE H 30 -8.10 13.10 0.23
C PHE H 30 -8.17 11.73 0.90
N HIS H 31 -8.50 11.69 2.19
CA HIS H 31 -8.49 10.43 2.92
C HIS H 31 -9.63 9.52 2.48
N GLN H 32 -10.85 10.06 2.37
CA GLN H 32 -11.98 9.24 1.98
C GLN H 32 -11.87 8.76 0.54
N ALA H 33 -11.38 9.62 -0.36
CA ALA H 33 -11.21 9.22 -1.75
C ALA H 33 -10.11 8.18 -1.91
N MET H 34 -9.10 8.20 -1.03
CA MET H 34 -8.02 7.22 -1.12
C MET H 34 -8.45 5.84 -0.61
N GLN H 35 -9.24 5.81 0.46
CA GLN H 35 -9.71 4.52 0.98
C GLN H 35 -10.62 3.83 -0.03
N GLY H 36 -11.54 4.56 -0.65
CA GLY H 36 -12.42 3.97 -1.64
C GLY H 36 -11.69 3.58 -2.92
N LEU H 37 -10.62 4.31 -3.25
CA LEU H 37 -9.88 3.98 -4.46
C LEU H 37 -9.08 2.69 -4.31
N ARG H 38 -8.55 2.44 -3.10
CA ARG H 38 -7.81 1.21 -2.88
C ARG H 38 -8.72 0.00 -2.80
N SER H 39 -9.97 0.20 -2.36
CA SER H 39 -10.90 -0.92 -2.25
C SER H 39 -11.34 -1.41 -3.62
N VAL H 40 -11.55 -0.49 -4.56
CA VAL H 40 -11.99 -0.89 -5.90
C VAL H 40 -10.85 -1.55 -6.66
N LEU H 41 -9.61 -1.10 -6.45
CA LEU H 41 -8.47 -1.67 -7.16
C LEU H 41 -7.97 -2.97 -6.53
N ALA H 42 -8.32 -3.23 -5.27
CA ALA H 42 -7.87 -4.44 -4.60
C ALA H 42 -8.54 -5.70 -5.15
N GLU H 43 -9.73 -5.57 -5.71
CA GLU H 43 -10.46 -6.70 -6.27
C GLU H 43 -10.16 -6.93 -7.75
N GLY H 44 -9.15 -6.24 -8.29
CA GLY H 44 -8.80 -6.44 -9.68
C GLY H 44 -7.95 -7.68 -9.91
N GLN H 45 -7.96 -8.15 -11.15
CA GLN H 45 -7.23 -9.35 -11.54
C GLN H 45 -6.09 -9.07 -12.49
N SER H 46 -6.25 -8.12 -13.40
CA SER H 46 -5.20 -7.81 -14.36
C SER H 46 -3.97 -7.25 -13.65
N PRO H 47 -2.77 -7.46 -14.21
CA PRO H 47 -1.56 -6.93 -13.55
C PRO H 47 -1.53 -5.41 -13.48
N GLU H 48 -2.27 -4.71 -14.34
CA GLU H 48 -2.32 -3.26 -14.25
C GLU H 48 -3.08 -2.81 -13.00
N LEU H 49 -4.19 -3.48 -12.69
CA LEU H 49 -4.95 -3.13 -11.49
C LEU H 49 -4.26 -3.64 -10.22
N ARG H 50 -3.57 -4.77 -10.30
CA ARG H 50 -2.86 -5.29 -9.13
C ARG H 50 -1.67 -4.40 -8.77
N ALA H 51 -0.88 -3.99 -9.77
CA ALA H 51 0.28 -3.15 -9.51
C ALA H 51 -0.12 -1.80 -8.94
N ALA H 52 -1.23 -1.23 -9.43
CA ALA H 52 -1.71 0.03 -8.90
C ALA H 52 -2.22 -0.12 -7.47
N ALA H 53 -2.81 -1.27 -7.14
CA ALA H 53 -3.25 -1.51 -5.76
C ALA H 53 -2.05 -1.62 -4.83
N ILE H 54 -1.02 -2.36 -5.24
CA ILE H 54 0.19 -2.48 -4.42
C ILE H 54 0.85 -1.11 -4.26
N LEU H 55 0.81 -0.28 -5.31
CA LEU H 55 1.40 1.04 -5.24
C LEU H 55 0.69 1.91 -4.22
N LEU H 56 -0.65 1.92 -4.26
CA LEU H 56 -1.42 2.74 -3.31
C LEU H 56 -1.34 2.19 -1.89
N GLU H 57 -1.13 0.88 -1.74
CA GLU H 57 -0.98 0.31 -0.40
C GLU H 57 0.32 0.78 0.24
N GLN H 58 1.42 0.78 -0.53
CA GLN H 58 2.68 1.25 0.01
C GLN H 58 2.65 2.75 0.30
N MET H 59 1.91 3.51 -0.50
CA MET H 59 1.73 4.94 -0.21
C MET H 59 0.96 5.14 1.09
N HIS H 60 -0.02 4.27 1.36
CA HIS H 60 -0.76 4.38 2.61
C HIS H 60 0.10 3.97 3.80
N ALA H 61 0.97 2.97 3.62
CA ALA H 61 1.87 2.58 4.70
C ALA H 61 2.88 3.68 4.99
N ASP H 62 3.37 4.35 3.95
CA ASP H 62 4.30 5.46 4.16
C ASP H 62 3.60 6.66 4.78
N GLU H 63 2.29 6.83 4.52
CA GLU H 63 1.56 7.92 5.15
C GLU H 63 1.40 7.69 6.65
N GLN H 64 1.21 6.42 7.05
CA GLN H 64 1.12 6.12 8.48
C GLN H 64 2.45 6.30 9.18
N LEU H 65 3.55 6.03 8.46
CA LEU H 65 4.88 6.31 9.02
C LEU H 65 5.09 7.80 9.22
N MET H 66 4.54 8.62 8.33
CA MET H 66 4.65 10.06 8.49
C MET H 66 3.89 10.53 9.72
N GLN H 67 2.73 9.92 9.98
CA GLN H 67 1.93 10.31 11.14
C GLN H 67 2.62 9.96 12.45
N MET H 68 3.40 8.88 12.48
CA MET H 68 4.17 8.57 13.68
C MET H 68 5.27 9.59 13.93
N THR H 69 5.87 10.11 12.85
CA THR H 69 6.85 11.18 13.00
C THR H 69 6.17 12.46 13.47
N LEU H 70 5.00 12.78 12.90
CA LEU H 70 4.27 13.97 13.34
C LEU H 70 3.75 13.83 14.76
N HIS H 71 3.44 12.60 15.19
CA HIS H 71 2.96 12.40 16.56
C HIS H 71 4.04 12.70 17.58
N LEU H 72 5.28 12.32 17.28
CA LEU H 72 6.39 12.63 18.19
C LEU H 72 6.73 14.11 18.19
N LEU H 73 6.42 14.83 17.11
CA LEU H 73 6.64 16.27 17.02
C LEU H 73 5.52 17.08 17.67
N HIS H 74 4.58 16.42 18.35
CA HIS H 74 3.45 17.08 19.00
C HIS H 74 2.63 17.88 17.97
P PO4 I . -1.52 15.66 7.91
O1 PO4 I . -2.59 16.71 7.74
O2 PO4 I . -0.22 16.19 7.34
O3 PO4 I . -1.92 14.40 7.18
O4 PO4 I . -1.35 15.37 9.38
P PO4 J . -3.68 -17.94 -2.04
O1 PO4 J . -3.93 -16.72 -1.18
O2 PO4 J . -2.27 -18.45 -1.81
O3 PO4 J . -3.84 -17.56 -3.50
O4 PO4 J . -4.67 -19.03 -1.69
N1 EPE K . 21.14 -14.57 1.55
C2 EPE K . 20.58 -13.52 2.44
C3 EPE K . 21.52 -13.25 3.61
N4 EPE K . 21.75 -14.46 4.37
C5 EPE K . 21.42 -15.72 3.73
C6 EPE K . 21.81 -15.68 2.26
C7 EPE K . 22.50 -14.43 5.61
C8 EPE K . 22.37 -15.73 6.39
O8 EPE K . 22.87 -15.56 7.69
C9 EPE K . 20.07 -15.13 0.70
C10 EPE K . 20.07 -14.45 -0.66
S EPE K . 19.16 -15.41 -1.89
O1S EPE K . 20.11 -16.22 -2.67
O2S EPE K . 18.43 -14.53 -2.79
O3S EPE K . 18.24 -16.30 -1.21
P PO4 L . 12.25 -9.80 13.29
O1 PO4 L . 12.88 -8.49 12.86
O2 PO4 L . 10.78 -9.57 13.57
O3 PO4 L . 12.40 -10.81 12.18
O4 PO4 L . 12.93 -10.31 14.54
P PO4 M . 9.60 6.30 -10.19
O1 PO4 M . 10.43 7.38 -10.86
O2 PO4 M . 8.17 6.42 -10.68
O3 PO4 M . 9.63 6.48 -8.70
O4 PO4 M . 10.15 4.94 -10.56
#